data_8RH6
#
_entry.id   8RH6
#
_cell.length_a   84.850
_cell.length_b   84.850
_cell.length_c   311.296
_cell.angle_alpha   90.000
_cell.angle_beta   90.000
_cell.angle_gamma   120.000
#
_symmetry.space_group_name_H-M   'P 31 2 1'
#
loop_
_entity.id
_entity.type
_entity.pdbx_description
1 polymer 'HLA class I histocompatibility antigen'
2 polymer Beta-2-microglobulin
3 polymer "Spike protein S2'"
4 non-polymer DI(HYDROXYETHYL)ETHER
5 non-polymer 1,2-ETHANEDIOL
#
loop_
_entity_poly.entity_id
_entity_poly.type
_entity_poly.pdbx_seq_one_letter_code
_entity_poly.pdbx_strand_id
1 'polypeptide(L)'
;MAVMAPRTLLLLLSGALALTQTWAGSHSMRYFYTSVSRPGRGEPRFIAVGYVDDTQFVRFDSDAASQRMEPRAPWIEQEG
PEYWDQETRNVKAQSQTDRVDLGTLRGYYNQSEDGSHTIQIMYGCDVGPDGRFLRGYRQDAYDGKDYIALNEDLRSWTAA
DMAAQITKRKWEAAHAAEQQRAYLEGRCVEWLRRYLENGKETLQRTDPPKTHMTHHPISDHEATLRCWALGFYPAEITLT
WQRDGEDQTQDTELVETRPAGDGTFQKWAAVVVPSGEEQRYTCHVQHEGLPKPLTLRWELSSQPTIPIVGIIAGLVLLGA
VITGAVVAAVMWRRKSSDRKGGSYTQAASSDSAQGSDVSLTACKV
;
A,C,E
2 'polypeptide(L)'
;MIQRTPKIQVYSRHPAENGKSNFLNCYVSGFHPSDIEVDLLKNGERIEKVEHSDLSFSKDWSFYLLYYTEFTPTEKDEYA
CRVNHVTLSQPKIVKWDRDM
;
B,D,F
3 'polypeptide(L)' SVLNDILSRL I,H,G
#
loop_
_chem_comp.id
_chem_comp.type
_chem_comp.name
_chem_comp.formula
EDO non-polymer 1,2-ETHANEDIOL 'C2 H6 O2'
PEG non-polymer DI(HYDROXYETHYL)ETHER 'C4 H10 O3'
#
# COMPACT_ATOMS: atom_id res chain seq x y z
N GLY A 25 -3.23 12.79 -32.33
CA GLY A 25 -2.89 12.07 -31.12
C GLY A 25 -1.39 11.97 -30.89
N SER A 26 -0.77 13.11 -30.62
CA SER A 26 0.66 13.17 -30.38
C SER A 26 0.96 12.97 -28.89
N HIS A 27 2.17 12.50 -28.61
CA HIS A 27 2.60 12.25 -27.23
C HIS A 27 4.06 12.68 -27.07
N SER A 28 4.47 12.82 -25.82
CA SER A 28 5.81 13.29 -25.52
C SER A 28 6.27 12.70 -24.19
N MET A 29 7.51 12.23 -24.15
CA MET A 29 8.16 11.79 -22.93
C MET A 29 9.28 12.76 -22.59
N ARG A 30 9.33 13.21 -21.34
CA ARG A 30 10.31 14.18 -20.89
C ARG A 30 10.82 13.82 -19.51
N TYR A 31 12.12 13.97 -19.31
CA TYR A 31 12.75 13.76 -18.02
C TYR A 31 13.26 15.08 -17.46
N PHE A 32 13.20 15.21 -16.13
CA PHE A 32 13.56 16.44 -15.45
C PHE A 32 14.56 16.11 -14.35
N TYR A 33 15.81 16.52 -14.55
CA TYR A 33 16.86 16.34 -13.56
C TYR A 33 17.08 17.64 -12.79
N THR A 34 17.45 17.49 -11.51
CA THR A 34 17.71 18.64 -10.66
C THR A 34 18.80 18.27 -9.66
N SER A 35 19.87 19.06 -9.64
CA SER A 35 21.02 18.81 -8.76
C SER A 35 21.28 20.08 -7.96
N VAL A 36 20.67 20.18 -6.78
CA VAL A 36 20.82 21.34 -5.92
C VAL A 36 22.02 21.09 -5.01
N SER A 37 23.08 21.87 -5.19
CA SER A 37 24.27 21.72 -4.37
C SER A 37 23.99 22.17 -2.94
N ARG A 38 24.66 21.52 -1.99
CA ARG A 38 24.46 21.86 -0.59
C ARG A 38 25.63 22.68 -0.05
N PRO A 39 25.37 23.56 0.92
CA PRO A 39 26.46 24.34 1.50
C PRO A 39 27.47 23.45 2.20
N GLY A 40 28.74 23.87 2.16
CA GLY A 40 29.81 23.09 2.75
C GLY A 40 30.42 22.05 1.84
N ARG A 41 30.19 22.15 0.53
CA ARG A 41 30.74 21.20 -0.44
C ARG A 41 30.29 19.76 -0.16
N GLY A 42 29.08 19.59 0.36
CA GLY A 42 28.57 18.27 0.66
C GLY A 42 28.04 17.56 -0.57
N GLU A 43 27.24 16.53 -0.33
CA GLU A 43 26.64 15.75 -1.40
C GLU A 43 25.35 16.42 -1.86
N PRO A 44 25.28 16.92 -3.09
CA PRO A 44 24.06 17.60 -3.54
C PRO A 44 22.88 16.64 -3.62
N ARG A 45 21.68 17.22 -3.51
CA ARG A 45 20.45 16.45 -3.63
C ARG A 45 20.08 16.30 -5.11
N PHE A 46 20.00 15.07 -5.59
CA PHE A 46 19.66 14.79 -6.98
C PHE A 46 18.28 14.16 -7.03
N ILE A 47 17.34 14.86 -7.66
CA ILE A 47 15.98 14.37 -7.85
C ILE A 47 15.69 14.32 -9.34
N ALA A 48 15.26 13.15 -9.82
CA ALA A 48 14.98 12.93 -11.22
C ALA A 48 13.57 12.36 -11.36
N VAL A 49 12.80 12.92 -12.28
CA VAL A 49 11.44 12.46 -12.54
C VAL A 49 11.26 12.27 -14.03
N GLY A 50 10.30 11.42 -14.38
CA GLY A 50 9.96 11.17 -15.77
C GLY A 50 8.47 11.27 -16.01
N TYR A 51 8.09 11.96 -17.09
CA TYR A 51 6.69 12.18 -17.42
C TYR A 51 6.41 11.69 -18.84
N VAL A 52 5.34 10.92 -18.97
CA VAL A 52 4.77 10.61 -20.27
C VAL A 52 3.52 11.47 -20.39
N ASP A 53 3.57 12.46 -21.29
CA ASP A 53 2.54 13.50 -21.41
C ASP A 53 2.45 14.19 -20.06
N ASP A 54 1.31 14.15 -19.36
CA ASP A 54 1.16 14.79 -18.06
C ASP A 54 1.06 13.79 -16.92
N THR A 55 1.71 12.63 -17.07
CA THR A 55 1.64 11.56 -16.08
C THR A 55 3.05 11.16 -15.66
N GLN A 56 3.39 11.41 -14.40
CA GLN A 56 4.67 10.97 -13.86
C GLN A 56 4.67 9.46 -13.73
N PHE A 57 5.81 8.84 -14.04
CA PHE A 57 5.90 7.38 -13.95
C PHE A 57 7.18 6.85 -13.32
N VAL A 58 8.22 7.66 -13.12
CA VAL A 58 9.44 7.22 -12.46
C VAL A 58 9.94 8.32 -11.55
N ARG A 59 10.85 7.95 -10.65
CA ARG A 59 11.45 8.91 -9.74
C ARG A 59 12.76 8.36 -9.21
N PHE A 60 13.60 9.27 -8.74
CA PHE A 60 14.86 8.92 -8.07
C PHE A 60 15.24 10.11 -7.21
N ASP A 61 15.21 9.94 -5.89
CA ASP A 61 15.52 11.02 -4.95
C ASP A 61 16.71 10.62 -4.11
N SER A 62 17.76 11.45 -4.13
CA SER A 62 18.93 11.19 -3.32
C SER A 62 18.69 11.45 -1.83
N ASP A 63 17.70 12.29 -1.50
CA ASP A 63 17.42 12.56 -0.09
C ASP A 63 16.46 11.56 0.52
N ALA A 64 15.53 11.02 -0.27
CA ALA A 64 14.61 10.01 0.18
C ALA A 64 15.27 8.64 0.32
N ALA A 65 16.54 8.52 -0.06
CA ALA A 65 17.24 7.24 -0.11
C ALA A 65 16.48 6.24 -0.98
N SER A 66 16.52 6.52 -2.27
CA SER A 66 15.85 5.66 -3.25
C SER A 66 16.70 4.48 -3.66
N GLN A 67 18.03 4.64 -3.66
CA GLN A 67 18.97 3.58 -4.01
C GLN A 67 18.77 3.13 -5.46
N ARG A 68 17.59 2.62 -5.77
CA ARG A 68 17.23 2.21 -7.12
C ARG A 68 16.15 3.12 -7.67
N MET A 69 15.93 3.01 -8.98
CA MET A 69 14.87 3.78 -9.63
C MET A 69 13.51 3.28 -9.18
N GLU A 70 12.69 4.20 -8.66
CA GLU A 70 11.40 3.77 -8.16
C GLU A 70 10.30 4.06 -9.16
N PRO A 71 9.29 3.19 -9.24
CA PRO A 71 8.16 3.45 -10.13
C PRO A 71 7.10 4.31 -9.47
N ARG A 72 6.42 5.10 -10.30
CA ARG A 72 5.32 5.94 -9.84
C ARG A 72 4.08 5.77 -10.71
N ALA A 73 3.96 4.64 -11.41
CA ALA A 73 2.82 4.37 -12.27
C ALA A 73 2.56 2.87 -12.26
N PRO A 74 1.32 2.43 -12.48
CA PRO A 74 1.06 0.99 -12.50
C PRO A 74 1.63 0.28 -13.71
N TRP A 75 1.52 0.88 -14.90
CA TRP A 75 1.97 0.23 -16.13
C TRP A 75 3.48 0.13 -16.23
N ILE A 76 4.23 0.93 -15.47
CA ILE A 76 5.69 0.89 -15.55
C ILE A 76 6.26 -0.19 -14.65
N GLU A 77 5.49 -0.70 -13.68
CA GLU A 77 5.98 -1.73 -12.77
C GLU A 77 6.19 -3.08 -13.46
N GLN A 78 5.66 -3.26 -14.67
CA GLN A 78 5.82 -4.53 -15.37
C GLN A 78 7.21 -4.71 -15.98
N GLU A 79 8.06 -3.69 -15.93
CA GLU A 79 9.38 -3.79 -16.51
C GLU A 79 10.26 -4.71 -15.68
N GLY A 80 11.20 -5.37 -16.35
CA GLY A 80 12.05 -6.34 -15.69
C GLY A 80 13.07 -5.69 -14.77
N PRO A 81 13.74 -6.52 -13.96
CA PRO A 81 14.73 -5.96 -13.02
C PRO A 81 15.97 -5.42 -13.70
N GLU A 82 16.39 -5.99 -14.83
CA GLU A 82 17.53 -5.46 -15.57
C GLU A 82 17.24 -4.08 -16.14
N TYR A 83 15.96 -3.75 -16.33
CA TYR A 83 15.59 -2.41 -16.78
C TYR A 83 15.91 -1.36 -15.72
N TRP A 84 15.41 -1.58 -14.49
CA TRP A 84 15.61 -0.59 -13.43
C TRP A 84 17.08 -0.41 -13.09
N ASP A 85 17.89 -1.44 -13.27
CA ASP A 85 19.33 -1.30 -13.05
C ASP A 85 19.96 -0.37 -14.09
N GLN A 86 19.57 -0.51 -15.36
CA GLN A 86 20.12 0.36 -16.40
C GLN A 86 19.64 1.79 -16.21
N GLU A 87 18.38 1.98 -15.82
CA GLU A 87 17.88 3.33 -15.56
C GLU A 87 18.55 3.94 -14.34
N THR A 88 18.89 3.11 -13.34
CA THR A 88 19.56 3.62 -12.15
C THR A 88 21.02 3.93 -12.44
N ARG A 89 21.71 3.07 -13.18
CA ARG A 89 23.12 3.29 -13.48
C ARG A 89 23.33 4.55 -14.32
N ASN A 90 22.39 4.83 -15.24
CA ASN A 90 22.53 6.01 -16.08
C ASN A 90 22.13 7.29 -15.35
N VAL A 91 21.13 7.21 -14.48
CA VAL A 91 20.72 8.38 -13.71
C VAL A 91 21.77 8.71 -12.65
N LYS A 92 22.30 7.69 -11.98
CA LYS A 92 23.38 7.92 -11.02
CA LYS A 92 23.38 7.92 -11.02
C LYS A 92 24.63 8.45 -11.71
N ALA A 93 24.85 8.06 -12.96
CA ALA A 93 26.01 8.57 -13.71
C ALA A 93 25.86 10.05 -14.00
N GLN A 94 24.64 10.48 -14.34
CA GLN A 94 24.41 11.91 -14.56
C GLN A 94 24.45 12.70 -13.26
N SER A 95 24.03 12.08 -12.14
CA SER A 95 24.08 12.76 -10.86
C SER A 95 25.52 13.03 -10.43
N GLN A 96 26.40 12.04 -10.62
CA GLN A 96 27.81 12.24 -10.28
C GLN A 96 28.46 13.26 -11.22
N THR A 97 28.02 13.31 -12.47
CA THR A 97 28.54 14.32 -13.39
C THR A 97 28.08 15.72 -12.99
N ASP A 98 26.81 15.87 -12.63
CA ASP A 98 26.31 17.18 -12.21
C ASP A 98 26.96 17.64 -10.91
N ARG A 99 27.34 16.71 -10.03
CA ARG A 99 27.97 17.09 -8.78
C ARG A 99 29.34 17.72 -9.03
N VAL A 100 30.12 17.14 -9.95
CA VAL A 100 31.43 17.70 -10.26
C VAL A 100 31.29 19.08 -10.89
N ASP A 101 30.35 19.23 -11.84
CA ASP A 101 30.16 20.53 -12.49
C ASP A 101 29.62 21.57 -11.52
N LEU A 102 28.90 21.14 -10.48
CA LEU A 102 28.42 22.09 -9.47
C LEU A 102 29.59 22.79 -8.78
N GLY A 103 30.59 22.00 -8.35
CA GLY A 103 31.76 22.60 -7.75
C GLY A 103 32.61 23.37 -8.74
N THR A 104 32.57 22.99 -10.02
CA THR A 104 33.36 23.69 -11.03
C THR A 104 32.78 25.08 -11.29
N LEU A 105 31.45 25.15 -11.47
CA LEU A 105 30.81 26.45 -11.69
C LEU A 105 30.84 27.32 -10.45
N ARG A 106 30.91 26.71 -9.26
CA ARG A 106 31.01 27.49 -8.04
C ARG A 106 32.36 28.22 -7.96
N GLY A 107 33.44 27.54 -8.37
CA GLY A 107 34.74 28.18 -8.43
C GLY A 107 34.93 29.04 -9.66
N TYR A 108 34.16 28.82 -10.72
CA TYR A 108 34.26 29.65 -11.91
C TYR A 108 33.66 31.03 -11.66
N TYR A 109 32.51 31.09 -11.00
CA TYR A 109 31.83 32.35 -10.72
C TYR A 109 32.14 32.90 -9.34
N ASN A 110 33.10 32.28 -8.64
CA ASN A 110 33.52 32.73 -7.30
C ASN A 110 32.33 32.83 -6.35
N GLN A 111 31.47 31.82 -6.38
CA GLN A 111 30.30 31.80 -5.51
C GLN A 111 30.68 31.27 -4.14
N SER A 112 30.02 31.80 -3.11
CA SER A 112 30.36 31.47 -1.74
C SER A 112 30.17 30.00 -1.46
N GLU A 113 31.10 29.41 -0.71
CA GLU A 113 31.04 28.00 -0.37
C GLU A 113 29.84 27.68 0.53
N ASP A 114 29.33 28.67 1.26
CA ASP A 114 28.18 28.47 2.13
C ASP A 114 26.86 28.74 1.42
N GLY A 115 26.84 28.65 0.10
CA GLY A 115 25.63 28.89 -0.67
C GLY A 115 25.15 27.65 -1.39
N SER A 116 23.88 27.63 -1.79
CA SER A 116 23.28 26.51 -2.49
C SER A 116 22.96 26.91 -3.92
N HIS A 117 23.35 26.08 -4.88
CA HIS A 117 23.14 26.33 -6.29
C HIS A 117 22.51 25.10 -6.94
N THR A 118 21.93 25.30 -8.12
CA THR A 118 21.11 24.29 -8.77
C THR A 118 21.50 24.11 -10.23
N ILE A 119 21.56 22.86 -10.65
CA ILE A 119 21.73 22.48 -12.05
C ILE A 119 20.51 21.65 -12.47
N GLN A 120 19.90 22.04 -13.58
CA GLN A 120 18.67 21.40 -14.05
C GLN A 120 18.87 20.94 -15.49
N ILE A 121 18.33 19.77 -15.80
CA ILE A 121 18.39 19.21 -17.15
C ILE A 121 16.97 18.89 -17.59
N MET A 122 16.68 19.13 -18.86
CA MET A 122 15.38 18.80 -19.45
C MET A 122 15.64 18.19 -20.82
N TYR A 123 15.31 16.92 -20.99
CA TYR A 123 15.46 16.25 -22.27
C TYR A 123 14.26 15.37 -22.52
N GLY A 124 13.91 15.21 -23.79
CA GLY A 124 12.78 14.38 -24.15
C GLY A 124 12.59 14.35 -25.65
N CYS A 125 11.54 13.63 -26.07
CA CYS A 125 11.22 13.48 -27.48
C CYS A 125 9.70 13.51 -27.64
N ASP A 126 9.26 13.95 -28.82
CA ASP A 126 7.85 14.03 -29.16
C ASP A 126 7.53 13.09 -30.31
N VAL A 127 6.42 12.36 -30.18
CA VAL A 127 5.96 11.46 -31.23
C VAL A 127 4.60 11.94 -31.72
N GLY A 128 4.28 11.58 -32.95
CA GLY A 128 3.01 11.95 -33.54
C GLY A 128 1.98 10.86 -33.43
N PRO A 129 0.87 11.01 -34.17
CA PRO A 129 -0.15 9.95 -34.15
C PRO A 129 0.34 8.65 -34.75
N ASP A 130 1.30 8.70 -35.66
CA ASP A 130 1.88 7.51 -36.27
C ASP A 130 3.04 6.93 -35.46
N GLY A 131 3.40 7.57 -34.37
CA GLY A 131 4.46 7.06 -33.51
C GLY A 131 5.88 7.36 -33.97
N ARG A 132 6.05 8.30 -34.90
CA ARG A 132 7.37 8.64 -35.40
C ARG A 132 7.88 9.91 -34.73
N PHE A 133 9.20 10.11 -34.82
CA PHE A 133 9.85 11.22 -34.15
C PHE A 133 9.40 12.55 -34.75
N LEU A 134 9.14 13.53 -33.87
CA LEU A 134 8.76 14.87 -34.27
C LEU A 134 9.75 15.92 -33.80
N ARG A 135 9.95 16.04 -32.48
CA ARG A 135 10.85 17.04 -31.92
C ARG A 135 11.65 16.41 -30.79
N GLY A 136 12.88 16.88 -30.62
CA GLY A 136 13.74 16.42 -29.54
C GLY A 136 14.24 17.60 -28.75
N TYR A 137 14.48 17.36 -27.46
CA TYR A 137 14.86 18.42 -26.54
C TYR A 137 16.03 17.99 -25.66
N ARG A 138 16.91 18.94 -25.36
CA ARG A 138 18.02 18.75 -24.44
C ARG A 138 18.60 20.10 -24.05
N GLN A 139 18.29 20.57 -22.84
CA GLN A 139 18.70 21.88 -22.39
C GLN A 139 19.01 21.83 -20.90
N ASP A 140 20.01 22.62 -20.50
CA ASP A 140 20.46 22.69 -19.11
C ASP A 140 20.37 24.12 -18.61
N ALA A 141 20.31 24.26 -17.29
CA ALA A 141 20.21 25.56 -16.65
C ALA A 141 20.97 25.56 -15.33
N TYR A 142 21.55 26.70 -14.99
CA TYR A 142 22.29 26.87 -13.76
C TYR A 142 21.74 28.07 -13.00
N ASP A 143 21.24 27.83 -11.79
CA ASP A 143 20.67 28.88 -10.94
C ASP A 143 19.51 29.59 -11.63
N GLY A 144 18.65 28.81 -12.29
CA GLY A 144 17.46 29.34 -12.91
C GLY A 144 17.67 30.07 -14.22
N LYS A 145 18.90 30.29 -14.65
CA LYS A 145 19.19 30.91 -15.93
C LYS A 145 19.66 29.84 -16.91
N ASP A 146 19.26 29.99 -18.18
CA ASP A 146 19.61 29.02 -19.19
C ASP A 146 21.12 28.90 -19.34
N TYR A 147 21.59 27.66 -19.54
CA TYR A 147 23.01 27.40 -19.71
C TYR A 147 23.30 27.09 -21.17
N ILE A 148 23.05 25.84 -21.58
CA ILE A 148 23.24 25.42 -22.96
C ILE A 148 22.02 24.60 -23.38
N ALA A 149 21.62 24.74 -24.64
CA ALA A 149 20.45 24.05 -25.16
C ALA A 149 20.76 23.49 -26.54
N LEU A 150 20.15 22.33 -26.84
CA LEU A 150 20.27 21.71 -28.15
C LEU A 150 19.15 22.21 -29.05
N ASN A 151 19.51 22.74 -30.21
CA ASN A 151 18.54 23.33 -31.10
C ASN A 151 17.70 22.23 -31.77
N GLU A 152 16.69 22.66 -32.53
CA GLU A 152 15.75 21.71 -33.13
C GLU A 152 16.43 20.84 -34.18
N ASP A 153 17.46 21.36 -34.86
CA ASP A 153 18.19 20.56 -35.83
C ASP A 153 18.96 19.42 -35.19
N LEU A 154 19.10 19.43 -33.86
CA LEU A 154 19.78 18.37 -33.10
C LEU A 154 21.25 18.22 -33.50
N ARG A 155 21.82 19.26 -34.10
CA ARG A 155 23.23 19.26 -34.47
C ARG A 155 23.99 20.49 -33.98
N SER A 156 23.31 21.45 -33.35
CA SER A 156 23.97 22.67 -32.91
C SER A 156 23.51 23.02 -31.50
N TRP A 157 24.38 23.72 -30.78
CA TRP A 157 24.12 24.14 -29.41
C TRP A 157 23.99 25.65 -29.37
N THR A 158 22.96 26.14 -28.68
CA THR A 158 22.86 27.56 -28.35
C THR A 158 23.22 27.74 -26.89
N ALA A 159 24.17 28.64 -26.62
CA ALA A 159 24.75 28.75 -25.29
C ALA A 159 24.69 30.19 -24.80
N ALA A 160 24.67 30.35 -23.48
CA ALA A 160 24.74 31.67 -22.84
C ALA A 160 26.19 32.16 -22.86
N ASP A 161 26.49 33.17 -22.06
CA ASP A 161 27.83 33.73 -22.02
C ASP A 161 28.67 33.04 -20.95
N MET A 162 29.98 33.31 -21.01
CA MET A 162 30.95 32.84 -20.03
C MET A 162 31.07 31.32 -20.02
N ALA A 163 30.63 30.69 -18.93
CA ALA A 163 30.86 29.26 -18.74
C ALA A 163 30.17 28.42 -19.81
N ALA A 164 28.99 28.85 -20.28
CA ALA A 164 28.26 28.08 -21.27
C ALA A 164 29.01 27.99 -22.60
N GLN A 165 29.81 29.02 -22.92
CA GLN A 165 30.57 28.98 -24.16
C GLN A 165 31.68 27.93 -24.11
N ILE A 166 32.28 27.71 -22.95
CA ILE A 166 33.28 26.66 -22.82
C ILE A 166 32.63 25.29 -23.01
N THR A 167 31.44 25.10 -22.45
CA THR A 167 30.71 23.84 -22.67
C THR A 167 30.36 23.67 -24.14
N LYS A 168 29.98 24.76 -24.81
CA LYS A 168 29.64 24.69 -26.23
C LYS A 168 30.84 24.29 -27.07
N ARG A 169 31.97 24.95 -26.85
CA ARG A 169 33.18 24.59 -27.59
C ARG A 169 33.62 23.17 -27.29
N LYS A 170 33.52 22.75 -26.03
CA LYS A 170 33.91 21.38 -25.66
C LYS A 170 33.02 20.36 -26.36
N TRP A 171 31.71 20.58 -26.36
CA TRP A 171 30.78 19.62 -26.93
C TRP A 171 30.80 19.66 -28.46
N GLU A 172 31.09 20.82 -29.04
CA GLU A 172 31.17 20.92 -30.50
C GLU A 172 32.35 20.12 -31.04
N ALA A 173 33.54 20.32 -30.46
CA ALA A 173 34.72 19.59 -30.91
C ALA A 173 34.64 18.11 -30.59
N ALA A 174 33.85 17.72 -29.60
CA ALA A 174 33.68 16.32 -29.24
C ALA A 174 32.54 15.64 -29.99
N HIS A 175 31.83 16.37 -30.86
CA HIS A 175 30.69 15.84 -31.60
C HIS A 175 29.63 15.28 -30.65
N ALA A 176 29.32 16.06 -29.61
CA ALA A 176 28.38 15.60 -28.60
C ALA A 176 26.95 15.58 -29.10
N ALA A 177 26.61 16.49 -30.02
CA ALA A 177 25.25 16.54 -30.55
C ALA A 177 24.87 15.28 -31.32
N GLU A 178 25.85 14.50 -31.77
CA GLU A 178 25.54 13.26 -32.47
C GLU A 178 24.91 12.24 -31.54
N GLN A 179 25.55 12.00 -30.39
CA GLN A 179 25.02 11.02 -29.45
C GLN A 179 23.75 11.52 -28.76
N GLN A 180 23.60 12.84 -28.65
CA GLN A 180 22.35 13.38 -28.12
C GLN A 180 21.21 13.18 -29.10
N ARG A 181 21.49 13.31 -30.39
CA ARG A 181 20.45 13.07 -31.40
C ARG A 181 20.10 11.60 -31.51
N ALA A 182 21.10 10.72 -31.35
CA ALA A 182 20.86 9.28 -31.45
C ALA A 182 19.91 8.79 -30.37
N TYR A 183 20.00 9.37 -29.17
CA TYR A 183 19.11 8.96 -28.09
C TYR A 183 17.70 9.51 -28.30
N LEU A 184 17.61 10.81 -28.63
CA LEU A 184 16.30 11.43 -28.78
C LEU A 184 15.52 10.85 -29.96
N GLU A 185 16.21 10.34 -30.97
CA GLU A 185 15.56 9.75 -32.13
C GLU A 185 15.45 8.24 -32.07
N GLY A 186 16.19 7.58 -31.19
CA GLY A 186 16.17 6.14 -31.11
C GLY A 186 15.60 5.58 -29.83
N ARG A 187 16.39 5.60 -28.76
CA ARG A 187 15.95 5.01 -27.49
C ARG A 187 14.74 5.75 -26.93
N CYS A 188 14.72 7.08 -27.04
CA CYS A 188 13.62 7.85 -26.47
C CYS A 188 12.30 7.53 -27.18
N VAL A 189 12.32 7.52 -28.51
CA VAL A 189 11.08 7.29 -29.26
C VAL A 189 10.61 5.85 -29.11
N GLU A 190 11.54 4.89 -29.10
CA GLU A 190 11.17 3.49 -28.97
C GLU A 190 10.49 3.22 -27.64
N TRP A 191 11.07 3.73 -26.55
CA TRP A 191 10.50 3.46 -25.23
C TRP A 191 9.21 4.25 -25.00
N LEU A 192 9.06 5.40 -25.65
CA LEU A 192 7.79 6.13 -25.55
C LEU A 192 6.65 5.34 -26.17
N ARG A 193 6.90 4.71 -27.32
CA ARG A 193 5.87 3.86 -27.94
C ARG A 193 5.57 2.65 -27.07
N ARG A 194 6.58 2.11 -26.39
CA ARG A 194 6.35 0.99 -25.48
C ARG A 194 5.51 1.42 -24.28
N TYR A 195 5.79 2.60 -23.73
CA TYR A 195 5.01 3.10 -22.60
C TYR A 195 3.57 3.39 -23.02
N LEU A 196 3.39 3.97 -24.20
CA LEU A 196 2.04 4.31 -24.66
C LEU A 196 1.18 3.07 -24.92
N GLU A 197 1.81 1.92 -25.19
CA GLU A 197 1.06 0.69 -25.39
C GLU A 197 0.83 -0.06 -24.08
N ASN A 198 1.84 -0.12 -23.22
CA ASN A 198 1.68 -0.77 -21.93
C ASN A 198 0.84 0.04 -20.96
N GLY A 199 0.75 1.35 -21.16
CA GLY A 199 -0.07 2.20 -20.33
C GLY A 199 -1.18 2.86 -21.11
N LYS A 200 -1.66 2.17 -22.15
CA LYS A 200 -2.70 2.72 -23.02
C LYS A 200 -3.98 3.03 -22.25
N GLU A 201 -4.26 2.27 -21.18
CA GLU A 201 -5.49 2.49 -20.43
C GLU A 201 -5.47 3.82 -19.68
N THR A 202 -4.30 4.33 -19.34
CA THR A 202 -4.17 5.58 -18.59
C THR A 202 -3.45 6.69 -19.35
N LEU A 203 -2.47 6.36 -20.19
CA LEU A 203 -1.73 7.40 -20.90
C LEU A 203 -2.53 7.94 -22.09
N GLN A 204 -3.23 7.05 -22.81
CA GLN A 204 -4.03 7.46 -23.96
C GLN A 204 -5.48 7.74 -23.60
N ARG A 205 -5.76 8.07 -22.35
CA ARG A 205 -7.10 8.42 -21.92
C ARG A 205 -7.33 9.92 -22.06
N THR A 206 -8.61 10.30 -22.09
CA THR A 206 -9.01 11.71 -22.19
C THR A 206 -10.21 11.92 -21.27
N ASP A 207 -9.93 12.36 -20.03
CA ASP A 207 -10.99 12.65 -19.09
C ASP A 207 -11.52 14.06 -19.35
N PRO A 208 -12.79 14.20 -19.75
CA PRO A 208 -13.32 15.53 -20.01
C PRO A 208 -13.56 16.27 -18.70
N PRO A 209 -13.51 17.60 -18.72
CA PRO A 209 -13.69 18.35 -17.47
C PRO A 209 -15.14 18.41 -17.04
N LYS A 210 -15.33 18.54 -15.74
CA LYS A 210 -16.66 18.72 -15.13
C LYS A 210 -16.78 20.19 -14.77
N THR A 211 -17.55 20.93 -15.57
CA THR A 211 -17.57 22.38 -15.51
C THR A 211 -18.83 22.89 -14.82
N HIS A 212 -18.68 23.97 -14.06
CA HIS A 212 -19.80 24.66 -13.45
C HIS A 212 -19.39 26.09 -13.16
N MET A 213 -20.38 26.96 -12.96
CA MET A 213 -20.15 28.37 -12.73
C MET A 213 -20.72 28.76 -11.37
N THR A 214 -20.04 29.68 -10.69
CA THR A 214 -20.45 30.19 -9.39
C THR A 214 -20.59 31.70 -9.44
N HIS A 215 -21.19 32.25 -8.39
CA HIS A 215 -21.43 33.69 -8.28
C HIS A 215 -20.96 34.18 -6.93
N HIS A 216 -20.17 35.26 -6.95
CA HIS A 216 -19.61 35.85 -5.72
C HIS A 216 -19.76 37.36 -5.79
N PRO A 217 -20.78 37.93 -5.14
CA PRO A 217 -20.97 39.38 -5.20
C PRO A 217 -19.83 40.13 -4.52
N ILE A 218 -19.41 41.23 -5.14
CA ILE A 218 -18.38 42.09 -4.60
C ILE A 218 -19.03 43.22 -3.82
N SER A 219 -19.86 44.00 -4.50
CA SER A 219 -20.59 45.10 -3.86
C SER A 219 -22.00 45.08 -4.44
N ASP A 220 -22.74 46.18 -4.24
CA ASP A 220 -24.09 46.28 -4.77
C ASP A 220 -24.12 46.68 -6.24
N HIS A 221 -22.97 46.87 -6.88
CA HIS A 221 -22.90 47.22 -8.29
C HIS A 221 -22.07 46.26 -9.13
N GLU A 222 -21.24 45.42 -8.52
CA GLU A 222 -20.37 44.51 -9.25
C GLU A 222 -20.48 43.11 -8.66
N ALA A 223 -20.00 42.13 -9.42
CA ALA A 223 -20.00 40.74 -8.99
C ALA A 223 -18.97 39.97 -9.81
N THR A 224 -18.59 38.81 -9.29
CA THR A 224 -17.58 37.96 -9.91
C THR A 224 -18.21 36.64 -10.32
N LEU A 225 -18.01 36.24 -11.58
CA LEU A 225 -18.47 34.97 -12.10
C LEU A 225 -17.26 34.05 -12.29
N ARG A 226 -17.19 33.01 -11.48
CA ARG A 226 -16.07 32.06 -11.52
C ARG A 226 -16.52 30.81 -12.29
N CYS A 227 -15.78 30.48 -13.34
CA CYS A 227 -16.08 29.35 -14.22
C CYS A 227 -15.11 28.22 -13.90
N TRP A 228 -15.63 27.13 -13.35
CA TRP A 228 -14.81 26.03 -12.87
C TRP A 228 -14.62 24.96 -13.95
N ALA A 229 -13.61 24.11 -13.72
CA ALA A 229 -13.34 22.98 -14.61
C ALA A 229 -12.44 22.02 -13.84
N LEU A 230 -13.02 20.93 -13.33
CA LEU A 230 -12.33 20.00 -12.45
C LEU A 230 -12.28 18.62 -13.07
N GLY A 231 -11.26 17.86 -12.69
CA GLY A 231 -11.12 16.47 -13.08
C GLY A 231 -10.99 16.25 -14.57
N PHE A 232 -9.95 16.82 -15.18
CA PHE A 232 -9.70 16.66 -16.60
C PHE A 232 -8.26 16.22 -16.83
N TYR A 233 -8.06 15.43 -17.88
CA TYR A 233 -6.75 14.97 -18.29
C TYR A 233 -6.78 14.87 -19.81
N PRO A 234 -5.77 15.40 -20.52
CA PRO A 234 -4.57 16.08 -20.02
C PRO A 234 -4.84 17.50 -19.49
N ALA A 235 -3.81 18.16 -18.96
CA ALA A 235 -3.99 19.48 -18.36
C ALA A 235 -4.19 20.59 -19.38
N GLU A 236 -4.09 20.29 -20.68
CA GLU A 236 -4.27 21.31 -21.70
C GLU A 236 -5.74 21.69 -21.80
N ILE A 237 -6.09 22.87 -21.30
CA ILE A 237 -7.47 23.35 -21.32
C ILE A 237 -7.45 24.86 -21.53
N THR A 238 -8.45 25.37 -22.23
CA THR A 238 -8.54 26.79 -22.57
C THR A 238 -9.87 27.34 -22.06
N LEU A 239 -9.81 28.17 -21.02
CA LEU A 239 -10.98 28.83 -20.46
C LEU A 239 -11.01 30.27 -20.96
N THR A 240 -12.10 30.65 -21.63
CA THR A 240 -12.23 31.99 -22.20
C THR A 240 -13.61 32.54 -21.87
N TRP A 241 -13.66 33.85 -21.60
CA TRP A 241 -14.91 34.55 -21.34
C TRP A 241 -15.33 35.34 -22.58
N GLN A 242 -16.64 35.52 -22.72
CA GLN A 242 -17.20 36.26 -23.85
C GLN A 242 -18.40 37.06 -23.36
N ARG A 243 -18.37 38.37 -23.57
CA ARG A 243 -19.51 39.24 -23.32
C ARG A 243 -20.33 39.32 -24.60
N ASP A 244 -21.59 38.88 -24.53
CA ASP A 244 -22.46 38.74 -25.70
C ASP A 244 -21.75 37.78 -26.65
N GLY A 245 -21.53 38.13 -27.91
CA GLY A 245 -20.79 37.30 -28.82
C GLY A 245 -19.34 37.69 -29.02
N GLU A 246 -18.88 38.71 -28.32
CA GLU A 246 -17.51 39.21 -28.46
C GLU A 246 -16.64 38.69 -27.32
N ASP A 247 -15.35 38.59 -27.60
CA ASP A 247 -14.39 38.12 -26.60
C ASP A 247 -14.22 39.16 -25.50
N GLN A 248 -14.38 38.71 -24.25
CA GLN A 248 -14.26 39.58 -23.08
C GLN A 248 -12.96 39.24 -22.36
N THR A 249 -12.00 40.16 -22.43
CA THR A 249 -10.70 39.99 -21.80
C THR A 249 -10.46 40.95 -20.65
N GLN A 250 -11.26 42.00 -20.52
CA GLN A 250 -11.08 42.97 -19.45
C GLN A 250 -11.72 42.47 -18.16
N ASP A 251 -11.06 42.77 -17.04
CA ASP A 251 -11.54 42.39 -15.70
C ASP A 251 -11.67 40.88 -15.55
N THR A 252 -10.77 40.12 -16.18
CA THR A 252 -10.75 38.68 -16.07
C THR A 252 -9.50 38.24 -15.32
N GLU A 253 -9.56 37.02 -14.78
CA GLU A 253 -8.44 36.47 -14.02
C GLU A 253 -8.40 34.96 -14.20
N LEU A 254 -7.25 34.45 -14.64
CA LEU A 254 -7.01 33.04 -14.80
C LEU A 254 -5.96 32.56 -13.81
N VAL A 255 -6.17 31.35 -13.28
CA VAL A 255 -5.22 30.73 -12.37
C VAL A 255 -4.50 29.62 -13.12
N GLU A 256 -3.30 29.30 -12.65
CA GLU A 256 -2.51 28.24 -13.26
C GLU A 256 -3.20 26.89 -13.11
N THR A 257 -3.13 26.07 -14.16
CA THR A 257 -3.72 24.73 -14.12
C THR A 257 -3.08 23.94 -12.99
N ARG A 258 -3.86 23.63 -11.95
CA ARG A 258 -3.37 22.97 -10.76
C ARG A 258 -3.76 21.50 -10.75
N PRO A 259 -2.89 20.63 -10.24
CA PRO A 259 -3.23 19.21 -10.12
C PRO A 259 -4.17 18.98 -8.94
N ALA A 260 -4.75 17.78 -8.91
CA ALA A 260 -5.67 17.39 -7.86
C ALA A 260 -5.12 16.30 -6.94
N GLY A 261 -4.15 15.52 -7.41
CA GLY A 261 -3.59 14.43 -6.63
C GLY A 261 -4.10 13.06 -7.01
N ASP A 262 -4.90 12.96 -8.07
CA ASP A 262 -5.44 11.67 -8.51
C ASP A 262 -5.23 11.44 -10.00
N GLY A 263 -4.28 12.14 -10.61
CA GLY A 263 -4.02 12.03 -12.04
C GLY A 263 -4.78 13.01 -12.90
N THR A 264 -5.70 13.78 -12.32
CA THR A 264 -6.45 14.80 -13.04
C THR A 264 -6.02 16.18 -12.58
N PHE A 265 -6.44 17.20 -13.33
CA PHE A 265 -6.06 18.57 -13.08
C PHE A 265 -7.31 19.44 -12.88
N GLN A 266 -7.08 20.65 -12.36
CA GLN A 266 -8.14 21.60 -12.09
C GLN A 266 -7.72 22.98 -12.58
N LYS A 267 -8.72 23.79 -12.93
CA LYS A 267 -8.50 25.15 -13.40
C LYS A 267 -9.82 25.89 -13.40
N TRP A 268 -9.77 27.18 -13.07
CA TRP A 268 -10.97 28.02 -13.13
C TRP A 268 -10.60 29.41 -13.62
N ALA A 269 -11.60 30.11 -14.12
CA ALA A 269 -11.45 31.48 -14.61
C ALA A 269 -12.58 32.34 -14.04
N ALA A 270 -12.25 33.57 -13.69
CA ALA A 270 -13.22 34.50 -13.12
C ALA A 270 -13.29 35.76 -13.96
N VAL A 271 -14.35 36.53 -13.73
CA VAL A 271 -14.56 37.80 -14.42
C VAL A 271 -15.43 38.68 -13.54
N VAL A 272 -15.07 39.95 -13.44
CA VAL A 272 -15.83 40.92 -12.66
C VAL A 272 -16.89 41.53 -13.57
N VAL A 273 -18.16 41.29 -13.24
CA VAL A 273 -19.26 41.71 -14.09
C VAL A 273 -20.15 42.70 -13.33
N PRO A 274 -20.79 43.63 -14.01
CA PRO A 274 -21.74 44.52 -13.34
C PRO A 274 -22.98 43.75 -12.88
N SER A 275 -23.56 44.21 -11.77
CA SER A 275 -24.74 43.57 -11.22
C SER A 275 -25.91 43.67 -12.19
N GLY A 276 -26.55 42.54 -12.46
CA GLY A 276 -27.67 42.48 -13.37
C GLY A 276 -27.33 42.00 -14.78
N GLU A 277 -26.05 42.02 -15.15
CA GLU A 277 -25.60 41.60 -16.46
C GLU A 277 -24.80 40.30 -16.41
N GLU A 278 -25.11 39.44 -15.43
CA GLU A 278 -24.34 38.21 -15.27
C GLU A 278 -24.57 37.25 -16.42
N GLN A 279 -25.78 37.21 -16.96
CA GLN A 279 -26.11 36.30 -18.05
C GLN A 279 -25.60 36.77 -19.40
N ARG A 280 -25.07 37.98 -19.50
CA ARG A 280 -24.47 38.45 -20.74
C ARG A 280 -23.08 37.86 -20.97
N TYR A 281 -22.43 37.37 -19.92
CA TYR A 281 -21.09 36.82 -20.00
C TYR A 281 -21.16 35.30 -20.13
N THR A 282 -20.37 34.75 -21.05
CA THR A 282 -20.38 33.33 -21.35
C THR A 282 -18.99 32.77 -21.22
N CYS A 283 -18.86 31.66 -20.49
CA CYS A 283 -17.60 30.96 -20.33
C CYS A 283 -17.49 29.85 -21.38
N HIS A 284 -16.36 29.81 -22.08
CA HIS A 284 -16.11 28.80 -23.10
C HIS A 284 -14.97 27.91 -22.66
N VAL A 285 -15.15 26.59 -22.75
CA VAL A 285 -14.17 25.62 -22.31
C VAL A 285 -13.82 24.72 -23.49
N GLN A 286 -12.52 24.58 -23.75
CA GLN A 286 -12.01 23.71 -24.81
C GLN A 286 -11.05 22.72 -24.18
N HIS A 287 -11.33 21.42 -24.37
CA HIS A 287 -10.49 20.36 -23.84
C HIS A 287 -10.38 19.25 -24.86
N GLU A 288 -9.28 18.48 -24.77
CA GLU A 288 -9.05 17.40 -25.72
C GLU A 288 -10.12 16.31 -25.61
N GLY A 289 -10.62 16.06 -24.39
CA GLY A 289 -11.64 15.05 -24.19
C GLY A 289 -13.06 15.49 -24.43
N LEU A 290 -13.27 16.73 -24.91
CA LEU A 290 -14.63 17.19 -25.18
C LEU A 290 -14.94 17.06 -26.65
N PRO A 291 -16.12 16.54 -27.00
CA PRO A 291 -16.49 16.45 -28.42
C PRO A 291 -16.69 17.81 -29.07
N LYS A 292 -17.16 18.81 -28.32
CA LYS A 292 -17.45 20.13 -28.84
C LYS A 292 -17.17 21.13 -27.72
N PRO A 293 -16.63 22.31 -28.05
CA PRO A 293 -16.39 23.33 -27.02
C PRO A 293 -17.66 23.64 -26.23
N LEU A 294 -17.52 23.69 -24.91
CA LEU A 294 -18.65 23.91 -24.03
C LEU A 294 -19.06 25.38 -24.02
N THR A 295 -20.21 25.64 -23.42
CA THR A 295 -20.75 27.00 -23.32
C THR A 295 -21.51 27.09 -22.01
N LEU A 296 -20.89 27.74 -21.01
CA LEU A 296 -21.47 27.88 -19.68
C LEU A 296 -21.97 29.31 -19.49
N ARG A 297 -23.12 29.43 -18.82
CA ARG A 297 -23.70 30.72 -18.50
C ARG A 297 -24.23 30.65 -17.08
N TRP A 298 -24.75 31.77 -16.58
CA TRP A 298 -25.37 31.80 -15.27
C TRP A 298 -26.88 31.63 -15.41
N GLU A 299 -27.49 31.04 -14.38
CA GLU A 299 -28.92 30.80 -14.37
C GLU A 299 -29.61 31.63 -13.30
N ILE B 2 19.03 32.82 -10.41
CA ILE B 2 18.06 33.86 -10.06
C ILE B 2 17.26 33.44 -8.84
N GLN B 3 16.27 34.26 -8.49
CA GLN B 3 15.39 33.98 -7.36
C GLN B 3 13.98 34.41 -7.73
N ARG B 4 13.01 33.52 -7.52
CA ARG B 4 11.62 33.80 -7.84
C ARG B 4 10.74 33.48 -6.64
N THR B 5 9.77 34.37 -6.37
CA THR B 5 8.85 34.16 -5.25
C THR B 5 7.80 33.13 -5.62
N PRO B 6 7.43 32.25 -4.70
CA PRO B 6 6.48 31.17 -5.03
C PRO B 6 5.04 31.68 -5.11
N LYS B 7 4.29 31.08 -6.04
CA LYS B 7 2.85 31.28 -6.11
C LYS B 7 2.16 30.17 -5.34
N ILE B 8 1.10 30.52 -4.61
CA ILE B 8 0.42 29.59 -3.72
C ILE B 8 -1.04 29.48 -4.12
N GLN B 9 -1.52 28.25 -4.28
CA GLN B 9 -2.92 27.95 -4.52
C GLN B 9 -3.33 26.83 -3.59
N VAL B 10 -4.13 27.15 -2.58
CA VAL B 10 -4.66 26.17 -1.64
C VAL B 10 -6.09 25.85 -2.05
N TYR B 11 -6.43 24.57 -2.06
CA TYR B 11 -7.72 24.12 -2.58
C TYR B 11 -7.95 22.69 -2.11
N SER B 12 -9.11 22.15 -2.46
CA SER B 12 -9.48 20.78 -2.16
C SER B 12 -9.56 19.97 -3.45
N ARG B 13 -9.32 18.67 -3.34
CA ARG B 13 -9.34 17.79 -4.51
C ARG B 13 -10.73 17.73 -5.11
N HIS B 14 -11.76 17.68 -4.27
CA HIS B 14 -13.15 17.61 -4.72
C HIS B 14 -13.92 18.79 -4.13
N PRO B 15 -15.12 19.08 -4.63
CA PRO B 15 -15.94 20.13 -4.00
C PRO B 15 -16.14 19.85 -2.52
N ALA B 16 -16.03 20.91 -1.72
CA ALA B 16 -16.01 20.76 -0.26
C ALA B 16 -17.39 20.39 0.25
N GLU B 17 -17.46 19.24 0.94
CA GLU B 17 -18.67 18.78 1.59
C GLU B 17 -18.35 18.50 3.05
N ASN B 18 -19.01 19.22 3.96
CA ASN B 18 -18.72 19.08 5.38
C ASN B 18 -19.09 17.68 5.86
N GLY B 19 -18.22 17.09 6.67
CA GLY B 19 -18.43 15.77 7.20
C GLY B 19 -17.97 14.64 6.31
N LYS B 20 -17.47 14.94 5.12
CA LYS B 20 -17.02 13.93 4.18
C LYS B 20 -15.52 14.06 3.97
N SER B 21 -14.83 12.92 3.96
CA SER B 21 -13.37 12.93 3.81
C SER B 21 -12.97 13.48 2.45
N ASN B 22 -11.84 14.17 2.42
CA ASN B 22 -11.33 14.78 1.20
C ASN B 22 -9.82 14.95 1.35
N PHE B 23 -9.22 15.70 0.42
CA PHE B 23 -7.79 15.96 0.42
C PHE B 23 -7.54 17.46 0.27
N LEU B 24 -6.69 18.00 1.13
CA LEU B 24 -6.32 19.42 1.10
C LEU B 24 -5.01 19.57 0.34
N ASN B 25 -5.03 20.34 -0.73
CA ASN B 25 -3.86 20.52 -1.59
C ASN B 25 -3.36 21.96 -1.51
N CYS B 26 -2.05 22.11 -1.42
CA CYS B 26 -1.39 23.42 -1.48
C CYS B 26 -0.34 23.36 -2.57
N TYR B 27 -0.59 24.08 -3.67
CA TYR B 27 0.24 24.00 -4.87
C TYR B 27 1.17 25.21 -4.91
N VAL B 28 2.43 24.99 -4.57
CA VAL B 28 3.47 26.02 -4.67
C VAL B 28 4.18 25.85 -6.01
N SER B 29 4.28 26.94 -6.77
CA SER B 29 4.86 26.88 -8.11
C SER B 29 5.54 28.20 -8.42
N GLY B 30 6.32 28.19 -9.51
CA GLY B 30 6.95 29.41 -9.99
C GLY B 30 8.00 29.99 -9.08
N PHE B 31 8.75 29.15 -8.36
CA PHE B 31 9.75 29.61 -7.42
C PHE B 31 11.12 29.04 -7.77
N HIS B 32 12.15 29.64 -7.18
CA HIS B 32 13.54 29.24 -7.35
C HIS B 32 14.38 29.95 -6.29
N PRO B 33 15.29 29.24 -5.60
CA PRO B 33 15.66 27.83 -5.75
C PRO B 33 14.64 26.85 -5.17
N SER B 34 15.00 25.58 -5.08
CA SER B 34 14.05 24.55 -4.69
C SER B 34 13.82 24.49 -3.18
N ASP B 35 14.72 25.06 -2.38
CA ASP B 35 14.59 24.97 -0.94
C ASP B 35 13.40 25.78 -0.45
N ILE B 36 12.24 25.12 -0.29
CA ILE B 36 11.03 25.76 0.17
C ILE B 36 10.46 24.94 1.32
N GLU B 37 9.77 25.62 2.24
CA GLU B 37 9.16 24.98 3.40
C GLU B 37 7.66 25.26 3.38
N VAL B 38 6.87 24.21 3.16
CA VAL B 38 5.42 24.31 3.09
C VAL B 38 4.84 23.44 4.20
N ASP B 39 3.94 24.02 4.99
CA ASP B 39 3.30 23.32 6.11
C ASP B 39 1.81 23.60 6.08
N LEU B 40 1.01 22.54 5.95
CA LEU B 40 -0.44 22.67 6.01
C LEU B 40 -0.90 22.81 7.45
N LEU B 41 -1.82 23.75 7.69
CA LEU B 41 -2.23 24.12 9.03
C LEU B 41 -3.71 23.82 9.22
N LYS B 42 -4.04 23.17 10.33
CA LYS B 42 -5.41 22.93 10.75
C LYS B 42 -5.67 23.80 11.97
N ASN B 43 -6.42 24.89 11.76
CA ASN B 43 -6.68 25.89 12.79
C ASN B 43 -5.39 26.50 13.33
N GLY B 44 -4.36 26.58 12.48
CA GLY B 44 -3.08 27.14 12.86
C GLY B 44 -2.04 26.15 13.35
N GLU B 45 -2.37 24.87 13.41
CA GLU B 45 -1.45 23.85 13.90
C GLU B 45 -0.93 23.01 12.73
N ARG B 46 0.37 22.72 12.75
CA ARG B 46 0.99 21.97 11.66
CA ARG B 46 0.99 21.96 11.67
C ARG B 46 0.46 20.54 11.65
N ILE B 47 -0.09 20.12 10.51
CA ILE B 47 -0.59 18.76 10.37
C ILE B 47 0.58 17.79 10.31
N GLU B 48 0.38 16.58 10.83
CA GLU B 48 1.47 15.62 10.95
C GLU B 48 1.82 14.97 9.60
N LYS B 49 0.98 14.05 9.13
CA LYS B 49 1.28 13.24 7.95
C LYS B 49 0.99 14.04 6.67
N VAL B 50 1.78 15.09 6.48
CA VAL B 50 1.71 15.90 5.26
C VAL B 50 2.72 15.36 4.25
N GLU B 51 2.22 14.88 3.12
CA GLU B 51 3.05 14.35 2.06
C GLU B 51 3.11 15.33 0.90
N HIS B 52 4.20 15.28 0.14
CA HIS B 52 4.42 16.15 -1.00
C HIS B 52 4.82 15.32 -2.21
N SER B 53 4.58 15.89 -3.39
CA SER B 53 4.91 15.22 -4.64
C SER B 53 6.40 15.26 -4.90
N ASP B 54 6.82 14.68 -6.02
CA ASP B 54 8.22 14.68 -6.40
C ASP B 54 8.58 16.01 -7.06
N LEU B 55 9.83 16.42 -6.87
CA LEU B 55 10.28 17.72 -7.34
C LEU B 55 10.36 17.73 -8.87
N SER B 56 9.81 18.79 -9.47
CA SER B 56 9.87 18.99 -10.91
C SER B 56 9.81 20.48 -11.18
N PHE B 57 10.03 20.85 -12.44
CA PHE B 57 10.03 22.25 -12.84
C PHE B 57 9.31 22.39 -14.18
N SER B 58 9.06 23.64 -14.55
CA SER B 58 8.39 23.98 -15.79
C SER B 58 9.42 24.39 -16.85
N LYS B 59 8.93 24.89 -17.99
CA LYS B 59 9.84 25.29 -19.06
C LYS B 59 10.70 26.48 -18.66
N ASP B 60 10.19 27.34 -17.79
CA ASP B 60 10.96 28.47 -17.27
C ASP B 60 11.90 28.08 -16.13
N TRP B 61 12.11 26.77 -15.92
CA TRP B 61 12.99 26.21 -14.90
C TRP B 61 12.48 26.48 -13.48
N SER B 62 11.26 26.99 -13.33
CA SER B 62 10.69 27.24 -12.02
C SER B 62 10.04 25.98 -11.48
N PHE B 63 10.39 25.63 -10.24
CA PHE B 63 9.90 24.39 -9.66
C PHE B 63 8.43 24.51 -9.28
N TYR B 64 7.81 23.34 -9.06
CA TYR B 64 6.43 23.28 -8.59
C TYR B 64 6.27 22.03 -7.73
N LEU B 65 5.61 22.20 -6.59
CA LEU B 65 5.38 21.11 -5.65
C LEU B 65 3.93 21.14 -5.18
N LEU B 66 3.45 19.98 -4.74
CA LEU B 66 2.07 19.82 -4.27
C LEU B 66 2.10 19.12 -2.92
N TYR B 67 1.90 19.88 -1.85
CA TYR B 67 1.78 19.32 -0.51
C TYR B 67 0.31 19.01 -0.25
N TYR B 68 0.03 17.76 0.15
CA TYR B 68 -1.34 17.31 0.31
C TYR B 68 -1.45 16.41 1.53
N THR B 69 -2.59 16.49 2.20
CA THR B 69 -2.91 15.60 3.31
C THR B 69 -4.42 15.41 3.36
N GLU B 70 -4.84 14.24 3.82
CA GLU B 70 -6.25 13.93 3.91
C GLU B 70 -6.88 14.66 5.09
N PHE B 71 -8.00 15.33 4.85
CA PHE B 71 -8.70 16.07 5.89
C PHE B 71 -10.20 15.95 5.67
N THR B 72 -10.95 16.21 6.74
CA THR B 72 -12.41 16.22 6.65
C THR B 72 -12.90 17.65 6.83
N PRO B 73 -13.37 18.31 5.78
CA PRO B 73 -13.84 19.69 5.94
C PRO B 73 -15.05 19.77 6.86
N THR B 74 -15.10 20.82 7.66
CA THR B 74 -16.26 21.08 8.53
C THR B 74 -16.68 22.53 8.38
N GLU B 75 -17.49 23.01 9.31
CA GLU B 75 -17.96 24.39 9.28
C GLU B 75 -17.10 25.33 10.12
N LYS B 76 -16.63 24.86 11.28
CA LYS B 76 -15.87 25.70 12.21
C LYS B 76 -14.37 25.65 11.97
N ASP B 77 -13.84 24.54 11.44
CA ASP B 77 -12.41 24.42 11.24
C ASP B 77 -11.95 25.33 10.11
N GLU B 78 -10.79 25.97 10.31
CA GLU B 78 -10.20 26.86 9.32
C GLU B 78 -8.83 26.32 8.93
N TYR B 79 -8.70 25.86 7.69
CA TYR B 79 -7.47 25.31 7.17
C TYR B 79 -6.71 26.36 6.36
N ALA B 80 -5.39 26.28 6.40
CA ALA B 80 -4.53 27.24 5.73
C ALA B 80 -3.24 26.54 5.31
N CYS B 81 -2.40 27.27 4.58
CA CYS B 81 -1.13 26.76 4.08
C CYS B 81 -0.05 27.80 4.36
N ARG B 82 0.94 27.42 5.17
CA ARG B 82 2.06 28.29 5.50
C ARG B 82 3.25 27.93 4.62
N VAL B 83 3.77 28.92 3.89
CA VAL B 83 4.88 28.72 2.97
C VAL B 83 5.95 29.76 3.26
N ASN B 84 7.17 29.30 3.51
CA ASN B 84 8.33 30.17 3.69
C ASN B 84 9.37 29.84 2.63
N HIS B 85 9.98 30.87 2.06
CA HIS B 85 10.97 30.72 1.02
C HIS B 85 12.11 31.69 1.27
N VAL B 86 13.22 31.48 0.57
CA VAL B 86 14.34 32.41 0.68
C VAL B 86 13.98 33.78 0.14
N THR B 87 12.99 33.88 -0.76
CA THR B 87 12.55 35.16 -1.26
C THR B 87 11.56 35.85 -0.34
N LEU B 88 10.87 35.11 0.52
CA LEU B 88 9.90 35.65 1.45
C LEU B 88 10.56 35.86 2.81
N SER B 89 10.60 37.11 3.27
CA SER B 89 11.14 37.39 4.58
CA SER B 89 11.14 37.40 4.59
C SER B 89 10.26 36.81 5.68
N GLN B 90 8.94 37.04 5.59
CA GLN B 90 7.99 36.47 6.52
C GLN B 90 7.19 35.36 5.84
N PRO B 91 6.84 34.31 6.58
CA PRO B 91 6.05 33.22 5.96
C PRO B 91 4.73 33.75 5.41
N LYS B 92 4.37 33.26 4.22
CA LYS B 92 3.17 33.71 3.53
C LYS B 92 2.03 32.74 3.88
N ILE B 93 0.97 33.28 4.47
CA ILE B 93 -0.19 32.49 4.87
C ILE B 93 -1.28 32.66 3.82
N VAL B 94 -1.82 31.54 3.34
CA VAL B 94 -2.90 31.52 2.36
C VAL B 94 -3.95 30.57 2.90
N LYS B 95 -5.04 31.11 3.43
CA LYS B 95 -6.10 30.29 3.99
C LYS B 95 -6.89 29.59 2.89
N TRP B 96 -7.41 28.41 3.21
CA TRP B 96 -8.21 27.65 2.26
C TRP B 96 -9.62 28.22 2.18
N ASP B 97 -10.02 28.61 0.97
CA ASP B 97 -11.37 29.11 0.70
C ASP B 97 -12.06 28.10 -0.21
N ARG B 98 -13.22 27.60 0.23
CA ARG B 98 -13.96 26.65 -0.59
C ARG B 98 -14.38 27.24 -1.92
N ASP B 99 -14.42 28.58 -2.02
CA ASP B 99 -14.72 29.29 -3.25
C ASP B 99 -13.48 29.76 -3.98
N MET B 100 -12.30 29.56 -3.40
CA MET B 100 -11.02 30.07 -3.92
C MET B 100 -11.03 31.59 -4.05
N GLY C 25 -18.30 -28.79 -5.14
CA GLY C 25 -17.47 -27.60 -5.30
C GLY C 25 -18.01 -26.62 -6.31
N SER C 26 -19.14 -26.00 -5.97
CA SER C 26 -19.79 -25.03 -6.84
C SER C 26 -19.27 -23.61 -6.54
N HIS C 27 -19.39 -22.74 -7.53
CA HIS C 27 -18.95 -21.36 -7.41
C HIS C 27 -19.95 -20.45 -8.09
N SER C 28 -19.86 -19.16 -7.78
CA SER C 28 -20.81 -18.18 -8.29
C SER C 28 -20.12 -16.82 -8.41
N MET C 29 -20.39 -16.15 -9.53
CA MET C 29 -19.95 -14.78 -9.74
C MET C 29 -21.17 -13.87 -9.75
N ARG C 30 -21.09 -12.75 -9.05
CA ARG C 30 -22.22 -11.84 -8.91
C ARG C 30 -21.76 -10.40 -9.10
N TYR C 31 -22.55 -9.63 -9.83
CA TYR C 31 -22.35 -8.19 -9.98
C TYR C 31 -23.52 -7.45 -9.36
N PHE C 32 -23.24 -6.31 -8.74
CA PHE C 32 -24.25 -5.53 -8.04
C PHE C 32 -24.16 -4.08 -8.50
N TYR C 33 -25.16 -3.63 -9.25
CA TYR C 33 -25.25 -2.24 -9.68
C TYR C 33 -26.20 -1.48 -8.76
N THR C 34 -25.90 -0.20 -8.54
CA THR C 34 -26.71 0.64 -7.66
C THR C 34 -26.69 2.07 -8.19
N SER C 35 -27.85 2.55 -8.63
CA SER C 35 -28.02 3.92 -9.11
C SER C 35 -28.97 4.64 -8.18
N VAL C 36 -28.46 5.66 -7.49
CA VAL C 36 -29.24 6.44 -6.55
C VAL C 36 -29.36 7.85 -7.11
N SER C 37 -30.58 8.24 -7.49
CA SER C 37 -30.81 9.56 -8.06
C SER C 37 -30.63 10.65 -6.99
N ARG C 38 -30.17 11.82 -7.44
CA ARG C 38 -29.92 12.96 -6.57
C ARG C 38 -31.04 13.98 -6.68
N PRO C 39 -31.32 14.72 -5.60
CA PRO C 39 -32.36 15.74 -5.66
C PRO C 39 -32.02 16.83 -6.66
N GLY C 40 -33.00 17.20 -7.48
CA GLY C 40 -32.81 18.18 -8.51
C GLY C 40 -32.52 17.63 -9.89
N ARG C 41 -32.79 16.34 -10.13
CA ARG C 41 -32.56 15.69 -11.42
C ARG C 41 -31.09 15.80 -11.84
N GLY C 42 -30.19 15.75 -10.86
CA GLY C 42 -28.77 15.83 -11.14
C GLY C 42 -28.21 14.51 -11.62
N GLU C 43 -26.89 14.38 -11.52
CA GLU C 43 -26.23 13.15 -11.94
C GLU C 43 -26.24 12.13 -10.80
N PRO C 44 -26.96 11.02 -10.96
CA PRO C 44 -27.02 10.03 -9.88
C PRO C 44 -25.67 9.39 -9.61
N ARG C 45 -25.50 8.93 -8.37
CA ARG C 45 -24.27 8.22 -7.99
C ARG C 45 -24.41 6.75 -8.37
N PHE C 46 -23.48 6.28 -9.21
CA PHE C 46 -23.49 4.89 -9.68
C PHE C 46 -22.31 4.16 -9.06
N ILE C 47 -22.62 3.15 -8.25
CA ILE C 47 -21.61 2.30 -7.62
C ILE C 47 -21.86 0.87 -8.06
N ALA C 48 -20.82 0.24 -8.61
CA ALA C 48 -20.91 -1.12 -9.13
C ALA C 48 -19.80 -1.95 -8.51
N VAL C 49 -20.14 -3.16 -8.05
CA VAL C 49 -19.17 -4.07 -7.46
C VAL C 49 -19.33 -5.44 -8.10
N GLY C 50 -18.25 -6.21 -8.05
CA GLY C 50 -18.27 -7.57 -8.56
C GLY C 50 -17.70 -8.55 -7.56
N TYR C 51 -18.38 -9.67 -7.36
CA TYR C 51 -18.00 -10.67 -6.38
C TYR C 51 -17.85 -12.03 -7.05
N VAL C 52 -16.75 -12.71 -6.74
CA VAL C 52 -16.57 -14.12 -7.06
C VAL C 52 -16.79 -14.88 -5.76
N ASP C 53 -17.88 -15.63 -5.69
CA ASP C 53 -18.32 -16.28 -4.46
C ASP C 53 -18.58 -15.22 -3.39
N ASP C 54 -17.60 -15.00 -2.51
CA ASP C 54 -17.72 -14.01 -1.46
C ASP C 54 -16.49 -13.10 -1.43
N THR C 55 -15.85 -12.89 -2.57
CA THR C 55 -14.63 -12.09 -2.67
C THR C 55 -14.83 -11.03 -3.74
N GLN C 56 -14.84 -9.76 -3.32
CA GLN C 56 -14.91 -8.65 -4.27
C GLN C 56 -13.63 -8.56 -5.08
N PHE C 57 -13.77 -8.24 -6.37
CA PHE C 57 -12.60 -8.12 -7.23
C PHE C 57 -12.62 -6.92 -8.16
N VAL C 58 -13.75 -6.22 -8.32
CA VAL C 58 -13.83 -5.01 -9.13
C VAL C 58 -14.73 -4.00 -8.44
N ARG C 59 -14.66 -2.76 -8.91
CA ARG C 59 -15.48 -1.68 -8.38
C ARG C 59 -15.57 -0.58 -9.41
N PHE C 60 -16.59 0.27 -9.26
CA PHE C 60 -16.75 1.44 -10.14
C PHE C 60 -17.57 2.48 -9.39
N ASP C 61 -16.94 3.61 -9.07
CA ASP C 61 -17.60 4.72 -8.38
C ASP C 61 -17.49 5.95 -9.26
N SER C 62 -18.63 6.55 -9.58
CA SER C 62 -18.64 7.77 -10.39
C SER C 62 -18.09 8.97 -9.65
N ASP C 63 -18.05 8.94 -8.31
CA ASP C 63 -17.58 10.06 -7.53
C ASP C 63 -16.06 10.08 -7.37
N ALA C 64 -15.41 8.92 -7.45
CA ALA C 64 -13.96 8.88 -7.32
C ALA C 64 -13.23 9.49 -8.50
N ALA C 65 -13.95 10.07 -9.46
CA ALA C 65 -13.39 10.62 -10.69
C ALA C 65 -12.39 9.67 -11.35
N SER C 66 -12.62 8.37 -11.19
CA SER C 66 -11.79 7.38 -11.86
C SER C 66 -12.33 7.02 -13.23
N GLN C 67 -13.65 7.03 -13.40
CA GLN C 67 -14.32 6.78 -14.67
C GLN C 67 -14.05 5.38 -15.23
N ARG C 68 -13.00 4.71 -14.77
CA ARG C 68 -12.66 3.37 -15.24
C ARG C 68 -12.93 2.34 -14.14
N MET C 69 -12.96 1.08 -14.56
CA MET C 69 -13.17 -0.03 -13.64
C MET C 69 -11.93 -0.24 -12.78
N GLU C 70 -12.12 -0.24 -11.45
CA GLU C 70 -10.91 -0.40 -10.65
C GLU C 70 -10.79 -1.84 -10.15
N PRO C 71 -9.58 -2.37 -10.07
CA PRO C 71 -9.40 -3.73 -9.53
C PRO C 71 -9.32 -3.72 -8.02
N ARG C 72 -9.94 -4.74 -7.41
CA ARG C 72 -9.95 -4.89 -5.95
C ARG C 72 -9.41 -6.25 -5.52
N ALA C 73 -8.67 -6.93 -6.39
CA ALA C 73 -8.09 -8.23 -6.09
C ALA C 73 -6.71 -8.31 -6.73
N PRO C 74 -5.81 -9.12 -6.16
CA PRO C 74 -4.47 -9.22 -6.78
C PRO C 74 -4.48 -9.98 -8.09
N TRP C 75 -5.25 -11.06 -8.19
CA TRP C 75 -5.26 -11.89 -9.40
C TRP C 75 -5.96 -11.21 -10.56
N ILE C 76 -6.81 -10.21 -10.31
CA ILE C 76 -7.52 -9.55 -11.39
C ILE C 76 -6.73 -8.41 -12.01
N GLU C 77 -5.70 -7.89 -11.33
CA GLU C 77 -4.92 -6.79 -11.86
C GLU C 77 -4.06 -7.18 -13.05
N GLN C 78 -3.89 -8.48 -13.30
CA GLN C 78 -3.07 -8.95 -14.41
C GLN C 78 -3.76 -8.83 -15.77
N GLU C 79 -5.03 -8.43 -15.80
CA GLU C 79 -5.75 -8.35 -17.06
C GLU C 79 -5.26 -7.16 -17.89
N GLY C 80 -5.35 -7.33 -19.20
CA GLY C 80 -4.86 -6.34 -20.13
C GLY C 80 -5.72 -5.09 -20.20
N PRO C 81 -5.23 -4.05 -20.89
CA PRO C 81 -6.01 -2.81 -20.99
C PRO C 81 -7.27 -2.95 -21.81
N GLU C 82 -7.29 -3.83 -22.82
CA GLU C 82 -8.50 -4.04 -23.60
C GLU C 82 -9.61 -4.64 -22.73
N TYR C 83 -9.24 -5.35 -21.67
CA TYR C 83 -10.24 -5.85 -20.73
C TYR C 83 -10.90 -4.70 -19.97
N TRP C 84 -10.09 -3.89 -19.29
CA TRP C 84 -10.64 -2.82 -18.46
C TRP C 84 -11.37 -1.77 -19.30
N ASP C 85 -10.95 -1.57 -20.55
CA ASP C 85 -11.66 -0.65 -21.42
C ASP C 85 -13.05 -1.17 -21.77
N GLN C 86 -13.16 -2.47 -22.07
CA GLN C 86 -14.45 -3.05 -22.40
C GLN C 86 -15.36 -3.11 -21.18
N GLU C 87 -14.81 -3.43 -20.01
CA GLU C 87 -15.60 -3.44 -18.79
C GLU C 87 -16.07 -2.04 -18.41
N THR C 88 -15.29 -1.02 -18.75
CA THR C 88 -15.68 0.35 -18.44
C THR C 88 -16.82 0.82 -19.33
N ARG C 89 -16.74 0.54 -20.63
CA ARG C 89 -17.77 1.00 -21.55
C ARG C 89 -19.11 0.31 -21.27
N ASN C 90 -19.09 -0.93 -20.79
CA ASN C 90 -20.34 -1.62 -20.49
C ASN C 90 -20.93 -1.17 -19.16
N VAL C 91 -20.08 -0.90 -18.17
CA VAL C 91 -20.59 -0.42 -16.88
C VAL C 91 -21.03 1.04 -17.00
N LYS C 92 -20.45 1.79 -17.93
CA LYS C 92 -20.91 3.16 -18.17
C LYS C 92 -22.23 3.17 -18.92
N ALA C 93 -22.40 2.26 -19.89
CA ALA C 93 -23.63 2.21 -20.66
C ALA C 93 -24.82 1.88 -19.78
N GLN C 94 -24.63 0.96 -18.82
CA GLN C 94 -25.71 0.64 -17.91
C GLN C 94 -25.97 1.77 -16.92
N SER C 95 -24.93 2.51 -16.54
CA SER C 95 -25.12 3.65 -15.63
C SER C 95 -25.95 4.74 -16.29
N GLN C 96 -25.67 5.04 -17.56
CA GLN C 96 -26.48 6.02 -18.28
C GLN C 96 -27.88 5.49 -18.55
N THR C 97 -28.03 4.18 -18.75
CA THR C 97 -29.35 3.60 -18.93
C THR C 97 -30.16 3.67 -17.64
N ASP C 98 -29.53 3.32 -16.52
CA ASP C 98 -30.21 3.43 -15.23
C ASP C 98 -30.53 4.88 -14.89
N ARG C 99 -29.67 5.81 -15.33
CA ARG C 99 -29.92 7.22 -15.06
C ARG C 99 -31.18 7.70 -15.77
N VAL C 100 -31.36 7.32 -17.04
CA VAL C 100 -32.54 7.73 -17.79
C VAL C 100 -33.80 7.12 -17.16
N ASP C 101 -33.74 5.84 -16.80
CA ASP C 101 -34.89 5.20 -16.18
C ASP C 101 -35.17 5.78 -14.80
N LEU C 102 -34.15 6.29 -14.12
CA LEU C 102 -34.39 6.95 -12.84
C LEU C 102 -35.28 8.18 -13.03
N GLY C 103 -34.94 9.03 -13.99
CA GLY C 103 -35.79 10.18 -14.28
C GLY C 103 -37.11 9.79 -14.92
N THR C 104 -37.15 8.66 -15.63
CA THR C 104 -38.39 8.22 -16.26
C THR C 104 -39.40 7.75 -15.24
N LEU C 105 -38.96 6.95 -14.27
CA LEU C 105 -39.87 6.47 -13.22
C LEU C 105 -40.30 7.57 -12.28
N ARG C 106 -39.52 8.65 -12.15
CA ARG C 106 -39.95 9.78 -11.32
C ARG C 106 -41.14 10.48 -11.93
N GLY C 107 -41.17 10.61 -13.26
CA GLY C 107 -42.32 11.19 -13.92
C GLY C 107 -43.49 10.23 -14.08
N TYR C 108 -43.23 8.93 -14.04
CA TYR C 108 -44.31 7.95 -14.13
C TYR C 108 -45.11 7.90 -12.83
N TYR C 109 -44.43 7.92 -11.68
CA TYR C 109 -45.07 7.86 -10.38
C TYR C 109 -45.29 9.23 -9.77
N ASN C 110 -45.01 10.30 -10.52
CA ASN C 110 -45.21 11.68 -10.05
C ASN C 110 -44.51 11.92 -8.72
N GLN C 111 -43.27 11.44 -8.62
CA GLN C 111 -42.49 11.60 -7.41
C GLN C 111 -41.83 12.98 -7.38
N SER C 112 -41.62 13.49 -6.16
CA SER C 112 -41.09 14.83 -6.00
C SER C 112 -39.68 14.94 -6.56
N GLU C 113 -39.40 16.07 -7.22
CA GLU C 113 -38.08 16.32 -7.77
C GLU C 113 -37.01 16.44 -6.68
N ASP C 114 -37.41 16.79 -5.45
CA ASP C 114 -36.48 16.91 -4.34
C ASP C 114 -36.32 15.61 -3.57
N GLY C 115 -36.60 14.47 -4.20
CA GLY C 115 -36.47 13.19 -3.53
C GLY C 115 -35.39 12.32 -4.16
N SER C 116 -34.91 11.33 -3.41
CA SER C 116 -33.89 10.41 -3.87
C SER C 116 -34.48 9.01 -4.02
N HIS C 117 -34.21 8.38 -5.15
CA HIS C 117 -34.70 7.04 -5.45
C HIS C 117 -33.56 6.16 -5.92
N THR C 118 -33.78 4.85 -5.89
CA THR C 118 -32.72 3.88 -6.11
C THR C 118 -33.14 2.81 -7.11
N ILE C 119 -32.24 2.50 -8.03
CA ILE C 119 -32.39 1.37 -8.94
C ILE C 119 -31.21 0.42 -8.72
N GLN C 120 -31.50 -0.85 -8.51
CA GLN C 120 -30.50 -1.86 -8.20
C GLN C 120 -30.61 -3.02 -9.18
N ILE C 121 -29.47 -3.54 -9.60
CA ILE C 121 -29.42 -4.70 -10.49
C ILE C 121 -28.54 -5.77 -9.86
N MET C 122 -28.95 -7.03 -10.02
CA MET C 122 -28.16 -8.17 -9.55
C MET C 122 -28.23 -9.24 -10.62
N TYR C 123 -27.09 -9.57 -11.22
CA TYR C 123 -27.01 -10.62 -12.22
C TYR C 123 -25.77 -11.45 -11.98
N GLY C 124 -25.83 -12.72 -12.37
CA GLY C 124 -24.70 -13.61 -12.18
C GLY C 124 -25.02 -14.99 -12.69
N CYS C 125 -24.04 -15.88 -12.52
CA CYS C 125 -24.16 -17.25 -12.97
C CYS C 125 -23.50 -18.18 -11.94
N ASP C 126 -24.00 -19.42 -11.90
CA ASP C 126 -23.48 -20.44 -11.00
C ASP C 126 -22.89 -21.58 -11.81
N VAL C 127 -21.72 -22.04 -11.40
CA VAL C 127 -21.06 -23.17 -12.06
C VAL C 127 -20.91 -24.30 -11.05
N GLY C 128 -20.81 -25.52 -11.58
CA GLY C 128 -20.64 -26.69 -10.76
C GLY C 128 -19.19 -27.11 -10.64
N PRO C 129 -18.96 -28.32 -10.12
CA PRO C 129 -17.57 -28.81 -10.04
C PRO C 129 -16.93 -29.01 -11.40
N ASP C 130 -17.71 -29.26 -12.45
CA ASP C 130 -17.20 -29.44 -13.80
C ASP C 130 -17.05 -28.13 -14.54
N GLY C 131 -17.44 -27.00 -13.94
CA GLY C 131 -17.28 -25.71 -14.58
C GLY C 131 -18.33 -25.36 -15.61
N ARG C 132 -19.46 -26.07 -15.62
CA ARG C 132 -20.53 -25.82 -16.57
C ARG C 132 -21.65 -25.01 -15.92
N PHE C 133 -22.48 -24.43 -16.78
CA PHE C 133 -23.54 -23.53 -16.31
C PHE C 133 -24.59 -24.30 -15.49
N LEU C 134 -25.00 -23.69 -14.39
CA LEU C 134 -26.05 -24.26 -13.53
C LEU C 134 -27.25 -23.34 -13.41
N ARG C 135 -27.08 -22.12 -12.92
CA ARG C 135 -28.18 -21.19 -12.71
C ARG C 135 -27.77 -19.79 -13.15
N GLY C 136 -28.74 -19.04 -13.64
CA GLY C 136 -28.51 -17.67 -14.05
C GLY C 136 -29.48 -16.73 -13.33
N TYR C 137 -29.03 -15.49 -13.14
CA TYR C 137 -29.78 -14.49 -12.40
C TYR C 137 -29.78 -13.17 -13.16
N ARG C 138 -30.91 -12.45 -13.08
CA ARG C 138 -31.03 -11.15 -13.71
C ARG C 138 -32.27 -10.50 -13.08
N GLN C 139 -32.04 -9.56 -12.17
CA GLN C 139 -33.14 -8.98 -11.39
C GLN C 139 -32.89 -7.50 -11.17
N ASP C 140 -33.99 -6.74 -11.15
CA ASP C 140 -33.96 -5.30 -10.92
C ASP C 140 -34.86 -4.95 -9.74
N ALA C 141 -34.59 -3.80 -9.14
CA ALA C 141 -35.39 -3.32 -8.02
C ALA C 141 -35.45 -1.81 -8.06
N TYR C 142 -36.60 -1.27 -7.65
CA TYR C 142 -36.82 0.17 -7.59
C TYR C 142 -37.33 0.53 -6.20
N ASP C 143 -36.57 1.37 -5.49
CA ASP C 143 -36.91 1.80 -4.13
C ASP C 143 -37.05 0.60 -3.19
N GLY C 144 -36.13 -0.35 -3.31
CA GLY C 144 -36.11 -1.52 -2.45
C GLY C 144 -37.16 -2.56 -2.76
N LYS C 145 -38.07 -2.30 -3.70
CA LYS C 145 -39.08 -3.26 -4.09
C LYS C 145 -38.72 -3.89 -5.43
N ASP C 146 -39.03 -5.18 -5.57
CA ASP C 146 -38.70 -5.90 -6.80
C ASP C 146 -39.39 -5.24 -8.00
N TYR C 147 -38.66 -5.19 -9.11
CA TYR C 147 -39.20 -4.59 -10.33
C TYR C 147 -39.52 -5.68 -11.34
N ILE C 148 -38.51 -6.16 -12.06
CA ILE C 148 -38.66 -7.24 -13.02
C ILE C 148 -37.52 -8.22 -12.82
N ALA C 149 -37.80 -9.51 -13.01
CA ALA C 149 -36.82 -10.55 -12.79
C ALA C 149 -36.91 -11.57 -13.92
N LEU C 150 -35.75 -12.15 -14.25
CA LEU C 150 -35.67 -13.22 -15.25
C LEU C 150 -35.85 -14.55 -14.56
N ASN C 151 -36.80 -15.36 -15.05
CA ASN C 151 -37.12 -16.62 -14.41
C ASN C 151 -35.98 -17.63 -14.62
N GLU C 152 -36.12 -18.79 -13.97
CA GLU C 152 -35.07 -19.80 -14.01
C GLU C 152 -34.90 -20.40 -15.40
N ASP C 153 -35.97 -20.48 -16.18
CA ASP C 153 -35.87 -20.97 -17.55
C ASP C 153 -35.12 -20.01 -18.46
N LEU C 154 -34.87 -18.78 -18.01
CA LEU C 154 -34.11 -17.77 -18.74
C LEU C 154 -34.76 -17.39 -20.07
N ARG C 155 -36.06 -17.65 -20.21
CA ARG C 155 -36.78 -17.25 -21.41
C ARG C 155 -38.05 -16.45 -21.08
N SER C 156 -38.37 -16.27 -19.81
CA SER C 156 -39.56 -15.56 -19.39
C SER C 156 -39.22 -14.63 -18.25
N TRP C 157 -40.00 -13.55 -18.13
CA TRP C 157 -39.81 -12.55 -17.09
C TRP C 157 -40.95 -12.60 -16.08
N THR C 158 -40.68 -12.08 -14.89
CA THR C 158 -41.68 -11.91 -13.85
C THR C 158 -41.57 -10.47 -13.34
N ALA C 159 -42.54 -9.63 -13.70
CA ALA C 159 -42.52 -8.22 -13.41
C ALA C 159 -43.55 -7.87 -12.35
N ALA C 160 -43.29 -6.77 -11.63
CA ALA C 160 -44.24 -6.26 -10.65
C ALA C 160 -45.36 -5.53 -11.38
N ASP C 161 -46.14 -4.75 -10.65
CA ASP C 161 -47.26 -4.05 -11.24
C ASP C 161 -46.85 -2.66 -11.74
N MET C 162 -47.76 -2.04 -12.50
CA MET C 162 -47.59 -0.68 -13.00
C MET C 162 -46.41 -0.56 -13.96
N ALA C 163 -45.37 0.16 -13.54
CA ALA C 163 -44.27 0.47 -14.46
C ALA C 163 -43.54 -0.78 -14.92
N ALA C 164 -43.44 -1.79 -14.06
CA ALA C 164 -42.73 -3.02 -14.42
C ALA C 164 -43.44 -3.77 -15.55
N GLN C 165 -44.77 -3.64 -15.64
CA GLN C 165 -45.50 -4.31 -16.72
C GLN C 165 -45.16 -3.71 -18.07
N ILE C 166 -44.92 -2.41 -18.14
CA ILE C 166 -44.50 -1.80 -19.40
C ILE C 166 -43.12 -2.31 -19.80
N THR C 167 -42.21 -2.42 -18.82
CA THR C 167 -40.89 -2.98 -19.11
C THR C 167 -40.98 -4.42 -19.57
N LYS C 168 -41.87 -5.21 -18.94
CA LYS C 168 -42.03 -6.60 -19.34
C LYS C 168 -42.55 -6.73 -20.77
N ARG C 169 -43.59 -5.95 -21.10
CA ARG C 169 -44.11 -5.96 -22.46
C ARG C 169 -43.07 -5.49 -23.47
N LYS C 170 -42.31 -4.46 -23.12
CA LYS C 170 -41.26 -3.97 -24.02
C LYS C 170 -40.19 -5.02 -24.26
N TRP C 171 -39.73 -5.67 -23.18
CA TRP C 171 -38.66 -6.65 -23.31
C TRP C 171 -39.14 -7.95 -23.95
N GLU C 172 -40.41 -8.31 -23.75
CA GLU C 172 -40.94 -9.51 -24.37
C GLU C 172 -40.99 -9.36 -25.88
N ALA C 173 -41.55 -8.25 -26.37
CA ALA C 173 -41.61 -8.02 -27.81
C ALA C 173 -40.24 -7.82 -28.42
N ALA C 174 -39.26 -7.40 -27.64
CA ALA C 174 -37.90 -7.22 -28.13
C ALA C 174 -37.02 -8.46 -27.97
N HIS C 175 -37.56 -9.53 -27.38
CA HIS C 175 -36.82 -10.77 -27.13
C HIS C 175 -35.54 -10.48 -26.34
N ALA C 176 -35.70 -9.73 -25.24
CA ALA C 176 -34.54 -9.33 -24.45
C ALA C 176 -33.96 -10.50 -23.66
N ALA C 177 -34.81 -11.45 -23.24
CA ALA C 177 -34.31 -12.60 -22.48
C ALA C 177 -33.39 -13.47 -23.31
N GLU C 178 -33.42 -13.36 -24.64
CA GLU C 178 -32.55 -14.16 -25.48
C GLU C 178 -31.09 -13.77 -25.29
N GLN C 179 -30.79 -12.47 -25.40
CA GLN C 179 -29.41 -12.02 -25.23
C GLN C 179 -28.96 -12.05 -23.78
N GLN C 180 -29.90 -11.96 -22.84
CA GLN C 180 -29.55 -12.10 -21.43
C GLN C 180 -29.15 -13.53 -21.10
N ARG C 181 -29.80 -14.51 -21.72
CA ARG C 181 -29.45 -15.90 -21.48
C ARG C 181 -28.08 -16.24 -22.06
N ALA C 182 -27.75 -15.66 -23.22
CA ALA C 182 -26.47 -15.94 -23.85
C ALA C 182 -25.30 -15.47 -23.00
N TYR C 183 -25.47 -14.36 -22.27
CA TYR C 183 -24.41 -13.88 -21.40
C TYR C 183 -24.26 -14.74 -20.16
N LEU C 184 -25.37 -15.08 -19.52
CA LEU C 184 -25.31 -15.85 -18.28
C LEU C 184 -24.75 -17.25 -18.51
N GLU C 185 -24.93 -17.80 -19.71
CA GLU C 185 -24.43 -19.14 -20.02
C GLU C 185 -23.09 -19.14 -20.75
N GLY C 186 -22.68 -18.00 -21.30
CA GLY C 186 -21.45 -17.95 -22.08
C GLY C 186 -20.36 -17.10 -21.46
N ARG C 187 -20.48 -15.77 -21.60
CA ARG C 187 -19.43 -14.88 -21.11
C ARG C 187 -19.28 -14.98 -19.59
N CYS C 188 -20.39 -15.11 -18.87
CA CYS C 188 -20.33 -15.18 -17.41
C CYS C 188 -19.58 -16.44 -16.96
N VAL C 189 -19.93 -17.58 -17.56
CA VAL C 189 -19.29 -18.84 -17.16
C VAL C 189 -17.84 -18.89 -17.62
N GLU C 190 -17.57 -18.37 -18.82
CA GLU C 190 -16.20 -18.40 -19.35
C GLU C 190 -15.26 -17.59 -18.47
N TRP C 191 -15.66 -16.37 -18.12
CA TRP C 191 -14.79 -15.51 -17.31
C TRP C 191 -14.75 -15.99 -15.86
N LEU C 192 -15.82 -16.64 -15.39
CA LEU C 192 -15.78 -17.21 -14.04
C LEU C 192 -14.75 -18.33 -13.96
N ARG C 193 -14.66 -19.16 -14.99
CA ARG C 193 -13.64 -20.22 -15.01
C ARG C 193 -12.24 -19.62 -15.05
N ARG C 194 -12.07 -18.52 -15.77
CA ARG C 194 -10.76 -17.86 -15.81
C ARG C 194 -10.41 -17.25 -14.46
N TYR C 195 -11.39 -16.62 -13.79
CA TYR C 195 -11.13 -16.02 -12.49
C TYR C 195 -10.79 -17.09 -11.45
N LEU C 196 -11.52 -18.21 -11.47
CA LEU C 196 -11.28 -19.28 -10.50
C LEU C 196 -9.92 -19.95 -10.70
N GLU C 197 -9.36 -19.89 -11.90
CA GLU C 197 -8.04 -20.46 -12.15
C GLU C 197 -6.92 -19.48 -11.86
N ASN C 198 -7.09 -18.21 -12.26
CA ASN C 198 -6.08 -17.20 -12.00
C ASN C 198 -6.03 -16.80 -10.54
N GLY C 199 -7.14 -16.96 -9.80
CA GLY C 199 -7.18 -16.65 -8.39
C GLY C 199 -7.45 -17.88 -7.55
N LYS C 200 -6.99 -19.04 -8.04
CA LYS C 200 -7.26 -20.30 -7.36
C LYS C 200 -6.67 -20.33 -5.96
N GLU C 201 -5.59 -19.60 -5.72
CA GLU C 201 -4.96 -19.62 -4.40
C GLU C 201 -5.85 -19.01 -3.33
N THR C 202 -6.74 -18.10 -3.71
CA THR C 202 -7.63 -17.44 -2.76
C THR C 202 -9.11 -17.71 -3.00
N LEU C 203 -9.54 -17.89 -4.25
CA LEU C 203 -10.95 -18.11 -4.52
C LEU C 203 -11.37 -19.54 -4.19
N GLN C 204 -10.51 -20.51 -4.48
CA GLN C 204 -10.81 -21.92 -4.22
C GLN C 204 -10.31 -22.37 -2.85
N ARG C 205 -10.11 -21.44 -1.92
CA ARG C 205 -9.68 -21.78 -0.57
C ARG C 205 -10.89 -22.02 0.33
N THR C 206 -10.64 -22.70 1.44
CA THR C 206 -11.67 -22.99 2.44
C THR C 206 -11.04 -22.84 3.83
N ASP C 207 -11.19 -21.67 4.42
CA ASP C 207 -10.67 -21.43 5.76
C ASP C 207 -11.66 -21.97 6.80
N PRO C 208 -11.28 -22.98 7.59
CA PRO C 208 -12.22 -23.53 8.57
C PRO C 208 -12.40 -22.57 9.73
N PRO C 209 -13.56 -22.60 10.38
CA PRO C 209 -13.81 -21.67 11.49
C PRO C 209 -13.11 -22.08 12.77
N LYS C 210 -12.80 -21.07 13.59
CA LYS C 210 -12.22 -21.27 14.91
C LYS C 210 -13.31 -21.05 15.94
N THR C 211 -13.82 -22.13 16.52
CA THR C 211 -15.03 -22.11 17.32
C THR C 211 -14.72 -22.19 18.81
N HIS C 212 -15.51 -21.46 19.60
CA HIS C 212 -15.45 -21.54 21.05
C HIS C 212 -16.79 -21.08 21.61
N MET C 213 -17.05 -21.44 22.86
CA MET C 213 -18.33 -21.15 23.50
C MET C 213 -18.12 -20.29 24.74
N THR C 214 -19.08 -19.38 24.98
CA THR C 214 -19.06 -18.49 26.13
C THR C 214 -20.34 -18.68 26.94
N HIS C 215 -20.34 -18.11 28.15
CA HIS C 215 -21.47 -18.23 29.06
C HIS C 215 -21.82 -16.84 29.60
N HIS C 216 -23.10 -16.50 29.54
CA HIS C 216 -23.60 -15.20 30.00
C HIS C 216 -24.87 -15.43 30.81
N PRO C 217 -24.77 -15.44 32.14
CA PRO C 217 -25.97 -15.68 32.96
C PRO C 217 -26.97 -14.55 32.83
N ILE C 218 -28.25 -14.91 32.75
CA ILE C 218 -29.33 -13.93 32.65
C ILE C 218 -29.91 -13.68 34.03
N SER C 219 -30.44 -14.72 34.66
CA SER C 219 -31.00 -14.63 36.01
C SER C 219 -30.59 -15.87 36.77
N ASP C 220 -31.26 -16.13 37.89
CA ASP C 220 -30.98 -17.30 38.71
C ASP C 220 -31.65 -18.56 38.17
N HIS C 221 -32.38 -18.48 37.06
CA HIS C 221 -33.03 -19.64 36.47
C HIS C 221 -32.65 -19.87 35.01
N GLU C 222 -32.06 -18.89 34.33
CA GLU C 222 -31.71 -19.02 32.93
C GLU C 222 -30.28 -18.52 32.70
N ALA C 223 -29.75 -18.88 31.54
CA ALA C 223 -28.41 -18.46 31.13
C ALA C 223 -28.32 -18.56 29.62
N THR C 224 -27.32 -17.89 29.06
CA THR C 224 -27.12 -17.86 27.62
C THR C 224 -25.79 -18.50 27.26
N LEU C 225 -25.83 -19.44 26.32
CA LEU C 225 -24.64 -20.08 25.78
C LEU C 225 -24.43 -19.55 24.36
N ARG C 226 -23.38 -18.76 24.18
CA ARG C 226 -23.08 -18.16 22.88
C ARG C 226 -21.98 -18.98 22.21
N CYS C 227 -22.27 -19.48 21.02
CA CYS C 227 -21.36 -20.36 20.29
C CYS C 227 -20.72 -19.55 19.15
N TRP C 228 -19.43 -19.31 19.26
CA TRP C 228 -18.73 -18.44 18.32
C TRP C 228 -18.12 -19.24 17.17
N ALA C 229 -17.75 -18.51 16.11
CA ALA C 229 -17.09 -19.10 14.95
C ALA C 229 -16.44 -17.95 14.18
N LEU C 230 -15.11 -17.85 14.28
CA LEU C 230 -14.39 -16.71 13.74
C LEU C 230 -13.40 -17.16 12.66
N GLY C 231 -13.12 -16.26 11.73
CA GLY C 231 -12.12 -16.47 10.71
C GLY C 231 -12.40 -17.65 9.78
N PHE C 232 -13.52 -17.61 9.07
CA PHE C 232 -13.87 -18.67 8.13
C PHE C 232 -14.21 -18.08 6.77
N TYR C 233 -13.90 -18.83 5.72
CA TYR C 233 -14.22 -18.47 4.35
C TYR C 233 -14.52 -19.76 3.61
N PRO C 234 -15.61 -19.83 2.83
CA PRO C 234 -16.58 -18.76 2.54
C PRO C 234 -17.53 -18.48 3.71
N ALA C 235 -18.39 -17.48 3.58
CA ALA C 235 -19.28 -17.09 4.67
C ALA C 235 -20.43 -18.09 4.88
N GLU C 236 -20.56 -19.09 4.02
CA GLU C 236 -21.62 -20.08 4.17
C GLU C 236 -21.31 -21.00 5.35
N ILE C 237 -22.05 -20.82 6.44
CA ILE C 237 -21.86 -21.62 7.64
C ILE C 237 -23.22 -21.83 8.29
N THR C 238 -23.40 -22.99 8.91
CA THR C 238 -24.67 -23.38 9.52
C THR C 238 -24.43 -23.70 10.99
N LEU C 239 -24.92 -22.83 11.87
CA LEU C 239 -24.83 -23.04 13.31
C LEU C 239 -26.18 -23.51 13.83
N THR C 240 -26.20 -24.67 14.48
CA THR C 240 -27.43 -25.27 14.98
C THR C 240 -27.24 -25.73 16.41
N TRP C 241 -28.28 -25.55 17.22
CA TRP C 241 -28.30 -26.00 18.61
C TRP C 241 -29.12 -27.28 18.73
N GLN C 242 -28.75 -28.11 19.71
CA GLN C 242 -29.44 -29.36 19.96
C GLN C 242 -29.49 -29.62 21.47
N ARG C 243 -30.70 -29.80 21.99
CA ARG C 243 -30.89 -30.22 23.37
C ARG C 243 -30.97 -31.75 23.39
N ASP C 244 -30.04 -32.37 24.12
CA ASP C 244 -29.87 -33.83 24.12
C ASP C 244 -29.60 -34.25 22.67
N GLY C 245 -30.35 -35.19 22.11
CA GLY C 245 -30.19 -35.57 20.73
C GLY C 245 -31.20 -34.95 19.77
N GLU C 246 -32.07 -34.09 20.27
CA GLU C 246 -33.11 -33.47 19.46
C GLU C 246 -32.68 -32.07 19.05
N ASP C 247 -33.21 -31.61 17.92
CA ASP C 247 -32.91 -30.27 17.43
C ASP C 247 -33.58 -29.24 18.34
N GLN C 248 -32.79 -28.26 18.80
CA GLN C 248 -33.28 -27.20 19.69
C GLN C 248 -33.37 -25.91 18.90
N THR C 249 -34.59 -25.47 18.62
CA THR C 249 -34.84 -24.24 17.89
C THR C 249 -35.51 -23.16 18.73
N GLN C 250 -36.06 -23.51 19.88
CA GLN C 250 -36.74 -22.54 20.74
C GLN C 250 -35.72 -21.78 21.58
N ASP C 251 -35.99 -20.48 21.77
CA ASP C 251 -35.15 -19.60 22.59
C ASP C 251 -33.72 -19.53 22.05
N THR C 252 -33.56 -19.61 20.74
CA THR C 252 -32.26 -19.50 20.10
C THR C 252 -32.18 -18.21 19.29
N GLU C 253 -30.96 -17.76 19.05
CA GLU C 253 -30.73 -16.54 18.29
C GLU C 253 -29.39 -16.64 17.57
N LEU C 254 -29.41 -16.48 16.25
CA LEU C 254 -28.20 -16.39 15.44
C LEU C 254 -28.15 -15.01 14.80
N VAL C 255 -26.95 -14.46 14.69
CA VAL C 255 -26.74 -13.14 14.11
C VAL C 255 -26.19 -13.27 12.70
N GLU C 256 -26.38 -12.21 11.92
CA GLU C 256 -25.93 -12.21 10.53
C GLU C 256 -24.41 -12.35 10.45
N THR C 257 -23.96 -13.14 9.48
CA THR C 257 -22.54 -13.36 9.24
C THR C 257 -21.82 -12.05 8.96
N ARG C 258 -20.95 -11.63 9.87
CA ARG C 258 -20.29 -10.35 9.68
C ARG C 258 -18.87 -10.56 9.18
N PRO C 259 -18.38 -9.68 8.31
CA PRO C 259 -16.99 -9.77 7.85
C PRO C 259 -16.02 -9.28 8.92
N ALA C 260 -14.74 -9.59 8.70
CA ALA C 260 -13.69 -9.18 9.61
C ALA C 260 -12.73 -8.15 9.03
N GLY C 261 -12.66 -8.04 7.71
CA GLY C 261 -11.76 -7.11 7.07
C GLY C 261 -10.49 -7.71 6.50
N ASP C 262 -10.36 -9.04 6.55
CA ASP C 262 -9.17 -9.72 6.04
C ASP C 262 -9.53 -10.86 5.10
N GLY C 263 -10.74 -10.86 4.55
CA GLY C 263 -11.20 -11.92 3.68
C GLY C 263 -11.95 -13.04 4.37
N THR C 264 -12.01 -13.02 5.70
CA THR C 264 -12.74 -14.01 6.47
C THR C 264 -13.97 -13.37 7.10
N PHE C 265 -14.87 -14.22 7.59
CA PHE C 265 -16.14 -13.79 8.15
C PHE C 265 -16.28 -14.31 9.59
N GLN C 266 -17.26 -13.76 10.29
CA GLN C 266 -17.55 -14.12 11.67
C GLN C 266 -19.05 -14.32 11.83
N LYS C 267 -19.41 -15.18 12.80
CA LYS C 267 -20.82 -15.47 13.08
C LYS C 267 -20.89 -16.21 14.41
N TRP C 268 -21.95 -15.94 15.18
CA TRP C 268 -22.19 -16.66 16.41
C TRP C 268 -23.68 -16.89 16.59
N ALA C 269 -24.00 -17.90 17.40
CA ALA C 269 -25.39 -18.26 17.73
C ALA C 269 -25.49 -18.46 19.24
N ALA C 270 -26.62 -18.03 19.80
CA ALA C 270 -26.86 -18.13 21.23
C ALA C 270 -28.13 -18.93 21.51
N VAL C 271 -28.28 -19.34 22.77
CA VAL C 271 -29.46 -20.09 23.21
C VAL C 271 -29.65 -19.84 24.69
N VAL C 272 -30.90 -19.62 25.09
CA VAL C 272 -31.25 -19.42 26.49
C VAL C 272 -31.51 -20.78 27.12
N VAL C 273 -30.68 -21.15 28.09
CA VAL C 273 -30.75 -22.48 28.70
C VAL C 273 -31.05 -22.33 30.19
N PRO C 274 -31.71 -23.30 30.80
CA PRO C 274 -31.92 -23.24 32.25
C PRO C 274 -30.60 -23.43 33.00
N SER C 275 -30.51 -22.76 34.16
CA SER C 275 -29.30 -22.85 34.96
C SER C 275 -29.08 -24.27 35.46
N GLY C 276 -27.87 -24.79 35.24
CA GLY C 276 -27.51 -26.12 35.64
C GLY C 276 -27.59 -27.15 34.52
N GLU C 277 -28.29 -26.84 33.44
CA GLU C 277 -28.46 -27.75 32.31
C GLU C 277 -27.72 -27.26 31.07
N GLU C 278 -26.61 -26.54 31.27
CA GLU C 278 -25.88 -25.99 30.13
C GLU C 278 -25.23 -27.08 29.29
N GLN C 279 -24.79 -28.17 29.90
CA GLN C 279 -24.16 -29.24 29.15
C GLN C 279 -25.15 -30.13 28.41
N ARG C 280 -26.45 -29.93 28.61
CA ARG C 280 -27.43 -30.67 27.83
C ARG C 280 -27.60 -30.09 26.43
N TYR C 281 -27.19 -28.85 26.21
CA TYR C 281 -27.30 -28.19 24.92
C TYR C 281 -25.97 -28.27 24.19
N THR C 282 -26.04 -28.59 22.90
CA THR C 282 -24.86 -28.82 22.08
C THR C 282 -24.91 -27.95 20.84
N CYS C 283 -23.80 -27.25 20.57
CA CYS C 283 -23.67 -26.43 19.38
C CYS C 283 -23.00 -27.22 18.26
N HIS C 284 -23.63 -27.22 17.08
CA HIS C 284 -23.11 -27.90 15.91
C HIS C 284 -22.72 -26.87 14.86
N VAL C 285 -21.53 -27.03 14.29
CA VAL C 285 -20.98 -26.10 13.31
C VAL C 285 -20.70 -26.87 12.02
N GLN C 286 -21.23 -26.36 10.91
CA GLN C 286 -21.02 -26.95 9.59
C GLN C 286 -20.43 -25.90 8.68
N HIS C 287 -19.25 -26.19 8.12
CA HIS C 287 -18.59 -25.28 7.20
C HIS C 287 -17.95 -26.08 6.07
N GLU C 288 -17.74 -25.41 4.94
CA GLU C 288 -17.16 -26.08 3.78
C GLU C 288 -15.74 -26.56 4.05
N GLY C 289 -14.99 -25.82 4.85
CA GLY C 289 -13.62 -26.20 5.17
C GLY C 289 -13.46 -27.19 6.31
N LEU C 290 -14.56 -27.70 6.86
CA LEU C 290 -14.45 -28.67 7.94
C LEU C 290 -14.62 -30.08 7.41
N PRO C 291 -13.76 -31.02 7.83
CA PRO C 291 -13.92 -32.41 7.38
C PRO C 291 -15.20 -33.07 7.88
N LYS C 292 -15.65 -32.71 9.08
CA LYS C 292 -16.84 -33.29 9.69
C LYS C 292 -17.47 -32.21 10.55
N PRO C 293 -18.80 -32.15 10.61
CA PRO C 293 -19.46 -31.15 11.47
C PRO C 293 -18.97 -31.23 12.91
N LEU C 294 -18.68 -30.06 13.47
CA LEU C 294 -18.14 -29.97 14.82
C LEU C 294 -19.24 -30.17 15.86
N THR C 295 -18.82 -30.33 17.11
CA THR C 295 -19.73 -30.54 18.23
C THR C 295 -19.11 -29.88 19.45
N LEU C 296 -19.76 -28.83 19.95
CA LEU C 296 -19.26 -28.06 21.08
CA LEU C 296 -19.26 -28.06 21.08
C LEU C 296 -20.25 -28.12 22.22
N ARG C 297 -19.73 -28.35 23.43
CA ARG C 297 -20.52 -28.36 24.66
C ARG C 297 -19.88 -27.38 25.64
N TRP C 298 -20.49 -27.20 26.80
CA TRP C 298 -19.90 -26.36 27.84
C TRP C 298 -19.03 -27.20 28.75
N GLU C 299 -17.98 -26.58 29.27
CA GLU C 299 -17.06 -27.25 30.18
C GLU C 299 -17.12 -26.63 31.58
N ILE D 2 -40.62 1.53 1.58
CA ILE D 2 -39.39 1.62 0.80
C ILE D 2 -38.24 2.09 1.69
N GLN D 3 -38.37 1.86 3.00
CA GLN D 3 -37.36 2.27 3.95
C GLN D 3 -37.19 1.19 5.00
N ARG D 4 -35.94 0.82 5.27
CA ARG D 4 -35.60 -0.22 6.24
C ARG D 4 -34.58 0.33 7.22
N THR D 5 -34.76 0.01 8.50
CA THR D 5 -33.86 0.49 9.55
C THR D 5 -32.56 -0.31 9.53
N PRO D 6 -31.41 0.36 9.67
CA PRO D 6 -30.14 -0.35 9.60
C PRO D 6 -29.82 -1.13 10.88
N LYS D 7 -29.15 -2.26 10.69
CA LYS D 7 -28.59 -3.03 11.78
C LYS D 7 -27.15 -2.63 12.01
N ILE D 8 -26.75 -2.52 13.27
CA ILE D 8 -25.42 -2.06 13.64
C ILE D 8 -24.74 -3.14 14.47
N GLN D 9 -23.52 -3.51 14.06
CA GLN D 9 -22.69 -4.45 14.81
C GLN D 9 -21.29 -3.88 14.92
N VAL D 10 -20.91 -3.44 16.11
CA VAL D 10 -19.56 -2.95 16.39
C VAL D 10 -18.79 -4.06 17.08
N TYR D 11 -17.56 -4.29 16.63
CA TYR D 11 -16.75 -5.41 17.09
C TYR D 11 -15.31 -5.17 16.65
N SER D 12 -14.42 -6.08 17.04
CA SER D 12 -13.03 -6.05 16.66
C SER D 12 -12.71 -7.21 15.73
N ARG D 13 -11.72 -7.01 14.86
CA ARG D 13 -11.33 -8.05 13.91
C ARG D 13 -10.79 -9.28 14.64
N HIS D 14 -10.02 -9.06 15.70
CA HIS D 14 -9.41 -10.13 16.49
C HIS D 14 -9.86 -10.02 17.93
N PRO D 15 -9.66 -11.06 18.76
CA PRO D 15 -9.97 -10.92 20.18
C PRO D 15 -9.27 -9.72 20.81
N ALA D 16 -10.01 -8.99 21.65
CA ALA D 16 -9.53 -7.73 22.18
C ALA D 16 -8.42 -7.96 23.20
N GLU D 17 -7.24 -7.42 22.91
CA GLU D 17 -6.10 -7.44 23.84
C GLU D 17 -5.60 -6.01 24.00
N ASN D 18 -5.65 -5.51 25.23
CA ASN D 18 -5.24 -4.13 25.48
C ASN D 18 -3.75 -3.95 25.20
N GLY D 19 -3.42 -2.85 24.54
CA GLY D 19 -2.04 -2.56 24.19
C GLY D 19 -1.55 -3.17 22.89
N LYS D 20 -2.38 -3.94 22.21
CA LYS D 20 -2.00 -4.60 20.96
C LYS D 20 -2.84 -4.04 19.82
N SER D 21 -2.20 -3.75 18.70
CA SER D 21 -2.88 -3.15 17.56
C SER D 21 -3.93 -4.10 17.00
N ASN D 22 -5.12 -3.57 16.72
CA ASN D 22 -6.22 -4.36 16.21
C ASN D 22 -7.02 -3.48 15.24
N PHE D 23 -8.20 -3.96 14.84
CA PHE D 23 -9.05 -3.24 13.91
C PHE D 23 -10.47 -3.15 14.47
N LEU D 24 -11.03 -1.94 14.47
CA LEU D 24 -12.38 -1.70 14.93
C LEU D 24 -13.33 -1.68 13.73
N ASN D 25 -14.31 -2.58 13.73
CA ASN D 25 -15.26 -2.72 12.64
C ASN D 25 -16.66 -2.34 13.09
N CYS D 26 -17.37 -1.60 12.25
CA CYS D 26 -18.78 -1.29 12.46
C CYS D 26 -19.53 -1.70 11.20
N TYR D 27 -20.32 -2.77 11.30
CA TYR D 27 -20.98 -3.39 10.15
C TYR D 27 -22.44 -2.94 10.13
N VAL D 28 -22.77 -2.02 9.23
CA VAL D 28 -24.14 -1.56 9.02
C VAL D 28 -24.74 -2.35 7.88
N SER D 29 -25.98 -2.82 8.06
CA SER D 29 -26.61 -3.69 7.08
C SER D 29 -28.12 -3.61 7.23
N GLY D 30 -28.81 -4.19 6.25
CA GLY D 30 -30.26 -4.28 6.31
C GLY D 30 -31.00 -2.97 6.23
N PHE D 31 -30.48 -2.00 5.50
CA PHE D 31 -31.09 -0.68 5.42
C PHE D 31 -31.38 -0.31 3.97
N HIS D 32 -32.22 0.72 3.81
CA HIS D 32 -32.61 1.25 2.51
C HIS D 32 -33.29 2.59 2.75
N PRO D 33 -32.95 3.64 1.98
CA PRO D 33 -32.00 3.68 0.86
C PRO D 33 -30.53 3.65 1.29
N SER D 34 -29.62 3.91 0.35
CA SER D 34 -28.19 3.74 0.60
C SER D 34 -27.58 4.90 1.38
N ASP D 35 -28.26 6.02 1.49
CA ASP D 35 -27.72 7.21 2.16
C ASP D 35 -27.57 6.92 3.64
N ILE D 36 -26.35 6.56 4.05
CA ILE D 36 -26.05 6.23 5.43
C ILE D 36 -24.85 7.06 5.89
N GLU D 37 -24.86 7.41 7.18
CA GLU D 37 -23.78 8.20 7.79
C GLU D 37 -23.23 7.39 8.96
N VAL D 38 -22.00 6.92 8.82
CA VAL D 38 -21.34 6.11 9.84
C VAL D 38 -20.08 6.83 10.29
N ASP D 39 -19.94 7.02 11.61
CA ASP D 39 -18.78 7.66 12.20
C ASP D 39 -18.32 6.86 13.40
N LEU D 40 -17.10 6.36 13.35
CA LEU D 40 -16.53 5.65 14.49
C LEU D 40 -16.03 6.65 15.53
N LEU D 41 -16.31 6.36 16.79
CA LEU D 41 -16.07 7.30 17.88
C LEU D 41 -15.03 6.75 18.83
N LYS D 42 -14.02 7.56 19.13
CA LYS D 42 -12.99 7.25 20.13
C LYS D 42 -13.20 8.20 21.30
N ASN D 43 -13.73 7.66 22.41
CA ASN D 43 -14.09 8.45 23.59
C ASN D 43 -15.12 9.54 23.25
N GLY D 44 -15.97 9.27 22.25
CA GLY D 44 -16.98 10.20 21.85
C GLY D 44 -16.59 11.13 20.73
N GLU D 45 -15.36 11.05 20.24
CA GLU D 45 -14.85 11.92 19.18
C GLU D 45 -14.77 11.15 17.87
N ARG D 46 -15.16 11.80 16.78
CA ARG D 46 -15.13 11.17 15.47
CA ARG D 46 -15.13 11.17 15.47
C ARG D 46 -13.70 10.88 15.06
N ILE D 47 -13.41 9.61 14.74
CA ILE D 47 -12.07 9.23 14.31
C ILE D 47 -11.84 9.73 12.89
N GLU D 48 -10.58 10.08 12.58
CA GLU D 48 -10.26 10.68 11.29
C GLU D 48 -10.24 9.65 10.17
N LYS D 49 -9.22 8.79 10.14
CA LYS D 49 -9.00 7.87 9.02
C LYS D 49 -9.94 6.66 9.13
N VAL D 50 -11.23 6.94 9.01
CA VAL D 50 -12.26 5.90 8.98
C VAL D 50 -12.53 5.54 7.52
N GLU D 51 -12.24 4.29 7.16
CA GLU D 51 -12.47 3.81 5.81
C GLU D 51 -13.67 2.87 5.78
N HIS D 52 -14.33 2.81 4.63
CA HIS D 52 -15.48 1.95 4.44
C HIS D 52 -15.32 1.17 3.15
N SER D 53 -16.01 0.02 3.09
CA SER D 53 -15.97 -0.83 1.92
C SER D 53 -16.83 -0.23 0.80
N ASP D 54 -16.87 -0.92 -0.33
CA ASP D 54 -17.72 -0.49 -1.44
C ASP D 54 -19.16 -0.91 -1.21
N LEU D 55 -20.08 -0.10 -1.71
CA LEU D 55 -21.50 -0.33 -1.46
C LEU D 55 -21.98 -1.58 -2.18
N SER D 56 -22.72 -2.42 -1.46
CA SER D 56 -23.32 -3.61 -2.04
C SER D 56 -24.58 -3.94 -1.25
N PHE D 57 -25.36 -4.89 -1.78
CA PHE D 57 -26.61 -5.29 -1.16
C PHE D 57 -26.76 -6.80 -1.27
N SER D 58 -27.75 -7.33 -0.56
CA SER D 58 -28.05 -8.75 -0.58
C SER D 58 -29.21 -9.00 -1.55
N LYS D 59 -29.71 -10.24 -1.57
CA LYS D 59 -30.81 -10.56 -2.47
C LYS D 59 -32.09 -9.82 -2.07
N ASP D 60 -32.23 -9.49 -0.78
CA ASP D 60 -33.38 -8.71 -0.30
C ASP D 60 -33.22 -7.22 -0.57
N TRP D 61 -32.24 -6.83 -1.39
CA TRP D 61 -31.97 -5.46 -1.81
C TRP D 61 -31.54 -4.53 -0.68
N SER D 62 -31.28 -5.07 0.50
CA SER D 62 -30.83 -4.25 1.63
C SER D 62 -29.32 -4.07 1.57
N PHE D 63 -28.86 -2.83 1.66
CA PHE D 63 -27.45 -2.55 1.56
C PHE D 63 -26.70 -2.99 2.82
N TYR D 64 -25.38 -3.11 2.68
CA TYR D 64 -24.52 -3.42 3.80
C TYR D 64 -23.15 -2.78 3.57
N LEU D 65 -22.61 -2.16 4.63
CA LEU D 65 -21.32 -1.50 4.57
C LEU D 65 -20.50 -1.87 5.80
N LEU D 66 -19.18 -1.76 5.66
CA LEU D 66 -18.25 -2.08 6.74
C LEU D 66 -17.28 -0.92 6.90
N TYR D 67 -17.50 -0.10 7.93
CA TYR D 67 -16.58 0.98 8.29
C TYR D 67 -15.56 0.44 9.27
N TYR D 68 -14.28 0.62 8.95
CA TYR D 68 -13.21 0.04 9.75
C TYR D 68 -12.04 1.00 9.85
N THR D 69 -11.37 0.96 10.99
CA THR D 69 -10.13 1.71 11.21
C THR D 69 -9.27 0.94 12.20
N GLU D 70 -7.96 1.04 12.05
CA GLU D 70 -7.03 0.38 12.95
C GLU D 70 -6.97 1.13 14.28
N PHE D 71 -7.10 0.40 15.38
CA PHE D 71 -7.06 0.99 16.71
C PHE D 71 -6.36 0.04 17.66
N THR D 72 -5.89 0.60 18.78
CA THR D 72 -5.30 -0.19 19.85
C THR D 72 -6.21 -0.15 21.06
N PRO D 73 -6.88 -1.23 21.42
CA PRO D 73 -7.78 -1.20 22.58
C PRO D 73 -7.00 -0.94 23.86
N THR D 74 -7.61 -0.18 24.76
CA THR D 74 -7.03 0.08 26.07
C THR D 74 -8.06 -0.15 27.17
N GLU D 75 -7.77 0.34 28.38
CA GLU D 75 -8.70 0.17 29.49
C GLU D 75 -9.64 1.36 29.67
N LYS D 76 -9.13 2.58 29.46
CA LYS D 76 -9.92 3.78 29.70
C LYS D 76 -10.69 4.24 28.48
N ASP D 77 -10.20 3.94 27.28
CA ASP D 77 -10.87 4.40 26.07
C ASP D 77 -12.18 3.65 25.87
N GLU D 78 -13.21 4.38 25.45
CA GLU D 78 -14.53 3.82 25.17
C GLU D 78 -14.85 4.10 23.71
N TYR D 79 -14.90 3.05 22.90
CA TYR D 79 -15.17 3.18 21.47
C TYR D 79 -16.64 2.90 21.18
N ALA D 80 -17.16 3.60 20.17
CA ALA D 80 -18.56 3.46 19.79
C ALA D 80 -18.68 3.74 18.29
N CYS D 81 -19.90 3.54 17.77
CA CYS D 81 -20.20 3.75 16.37
C CYS D 81 -21.51 4.52 16.26
N ARG D 82 -21.45 5.73 15.70
CA ARG D 82 -22.63 6.56 15.50
C ARG D 82 -23.12 6.40 14.07
N VAL D 83 -24.40 6.03 13.92
CA VAL D 83 -25.01 5.82 12.62
C VAL D 83 -26.31 6.60 12.56
N ASN D 84 -26.46 7.44 11.54
CA ASN D 84 -27.69 8.19 11.31
C ASN D 84 -28.26 7.81 9.95
N HIS D 85 -29.57 7.62 9.91
CA HIS D 85 -30.27 7.23 8.70
C HIS D 85 -31.59 8.00 8.61
N VAL D 86 -32.21 7.96 7.43
CA VAL D 86 -33.51 8.58 7.26
C VAL D 86 -34.58 7.88 8.09
N THR D 87 -34.35 6.61 8.44
CA THR D 87 -35.28 5.88 9.30
C THR D 87 -35.06 6.18 10.78
N LEU D 88 -33.88 6.69 11.14
CA LEU D 88 -33.56 6.99 12.53
C LEU D 88 -33.88 8.45 12.82
N SER D 89 -34.78 8.67 13.79
CA SER D 89 -35.11 10.04 14.19
C SER D 89 -33.91 10.75 14.82
N GLN D 90 -33.06 10.00 15.51
CA GLN D 90 -31.82 10.51 16.09
C GLN D 90 -30.74 9.45 15.91
N PRO D 91 -29.48 9.87 15.75
CA PRO D 91 -28.40 8.91 15.52
C PRO D 91 -28.33 7.87 16.62
N LYS D 92 -28.10 6.62 16.22
CA LYS D 92 -28.06 5.48 17.12
C LYS D 92 -26.61 5.19 17.51
N ILE D 93 -26.34 5.21 18.82
CA ILE D 93 -25.01 4.96 19.36
C ILE D 93 -24.95 3.51 19.81
N VAL D 94 -23.92 2.79 19.36
CA VAL D 94 -23.70 1.39 19.73
C VAL D 94 -22.27 1.28 20.20
N LYS D 95 -22.07 1.19 21.52
CA LYS D 95 -20.74 1.12 22.08
C LYS D 95 -20.10 -0.24 21.81
N TRP D 96 -18.77 -0.23 21.68
CA TRP D 96 -18.02 -1.45 21.45
C TRP D 96 -17.84 -2.22 22.75
N ASP D 97 -18.24 -3.48 22.75
CA ASP D 97 -18.09 -4.35 23.90
C ASP D 97 -17.05 -5.41 23.57
N ARG D 98 -16.02 -5.51 24.42
CA ARG D 98 -14.95 -6.48 24.22
C ARG D 98 -15.45 -7.91 24.26
N ASP D 99 -16.65 -8.15 24.79
CA ASP D 99 -17.24 -9.48 24.83
C ASP D 99 -18.16 -9.76 23.64
N MET D 100 -18.35 -8.79 22.75
CA MET D 100 -19.16 -8.99 21.56
C MET D 100 -18.41 -8.61 20.29
N GLY E 25 32.14 -16.27 -5.56
CA GLY E 25 30.75 -15.86 -5.56
C GLY E 25 29.80 -16.95 -5.10
N SER E 26 29.89 -17.31 -3.82
CA SER E 26 29.05 -18.35 -3.25
C SER E 26 27.76 -17.74 -2.70
N HIS E 27 26.73 -18.58 -2.62
CA HIS E 27 25.43 -18.16 -2.11
C HIS E 27 24.84 -19.28 -1.26
N SER E 28 23.82 -18.91 -0.48
CA SER E 28 23.22 -19.85 0.46
C SER E 28 21.75 -19.52 0.64
N MET E 29 20.92 -20.55 0.68
CA MET E 29 19.50 -20.43 0.99
C MET E 29 19.24 -21.07 2.35
N ARG E 30 18.45 -20.38 3.18
CA ARG E 30 18.20 -20.83 4.54
C ARG E 30 16.73 -20.65 4.88
N TYR E 31 16.16 -21.66 5.53
CA TYR E 31 14.81 -21.61 6.07
C TYR E 31 14.86 -21.70 7.59
N PHE E 32 13.97 -20.98 8.26
CA PHE E 32 13.93 -20.92 9.71
C PHE E 32 12.51 -21.19 10.19
N TYR E 33 12.30 -22.35 10.80
CA TYR E 33 11.02 -22.72 11.37
C TYR E 33 11.01 -22.47 12.87
N THR E 34 9.84 -22.12 13.40
CA THR E 34 9.70 -21.83 14.82
C THR E 34 8.31 -22.25 15.28
N SER E 35 8.26 -23.22 16.18
CA SER E 35 7.01 -23.71 16.76
C SER E 35 7.02 -23.43 18.26
N VAL E 36 6.12 -22.58 18.71
CA VAL E 36 6.09 -22.11 20.10
C VAL E 36 4.85 -22.67 20.77
N SER E 37 5.05 -23.54 21.75
CA SER E 37 3.95 -24.15 22.48
C SER E 37 3.24 -23.11 23.34
N ARG E 38 1.93 -23.34 23.57
CA ARG E 38 1.14 -22.39 24.35
C ARG E 38 0.96 -22.86 25.78
N PRO E 39 0.86 -21.91 26.72
CA PRO E 39 0.64 -22.28 28.14
C PRO E 39 -0.69 -22.98 28.39
N GLY E 40 -1.62 -22.95 27.45
CA GLY E 40 -2.91 -23.59 27.65
C GLY E 40 -3.05 -24.83 26.79
N ARG E 41 -1.92 -25.35 26.31
CA ARG E 41 -1.88 -26.52 25.44
C ARG E 41 -2.72 -26.31 24.18
N GLY E 42 -2.76 -25.07 23.71
CA GLY E 42 -3.51 -24.68 22.53
C GLY E 42 -2.76 -24.97 21.24
N GLU E 43 -3.14 -24.24 20.20
CA GLU E 43 -2.50 -24.37 18.90
C GLU E 43 -1.21 -23.57 18.89
N PRO E 44 -0.05 -24.22 18.76
CA PRO E 44 1.22 -23.48 18.81
C PRO E 44 1.35 -22.49 17.66
N ARG E 45 2.15 -21.45 17.89
CA ARG E 45 2.42 -20.45 16.87
C ARG E 45 3.56 -20.94 15.98
N PHE E 46 3.28 -21.09 14.70
CA PHE E 46 4.26 -21.55 13.73
C PHE E 46 4.61 -20.41 12.78
N ILE E 47 5.86 -19.96 12.83
CA ILE E 47 6.37 -18.91 11.96
C ILE E 47 7.53 -19.47 11.16
N ALA E 48 7.46 -19.34 9.84
CA ALA E 48 8.49 -19.85 8.94
C ALA E 48 8.95 -18.75 8.00
N VAL E 49 10.26 -18.61 7.85
CA VAL E 49 10.84 -17.63 6.94
C VAL E 49 11.90 -18.29 6.09
N GLY E 50 12.14 -17.70 4.92
CA GLY E 50 13.18 -18.18 4.03
C GLY E 50 14.08 -17.07 3.54
N TYR E 51 15.39 -17.28 3.57
CA TYR E 51 16.36 -16.28 3.15
C TYR E 51 17.26 -16.86 2.07
N VAL E 52 17.40 -16.15 0.96
CA VAL E 52 18.42 -16.44 -0.04
C VAL E 52 19.48 -15.35 0.03
N ASP E 53 20.66 -15.69 0.55
CA ASP E 53 21.77 -14.75 0.70
C ASP E 53 21.36 -13.50 1.49
N ASP E 54 20.94 -13.73 2.74
CA ASP E 54 20.55 -12.66 3.67
C ASP E 54 19.39 -11.83 3.13
N THR E 55 18.54 -12.42 2.28
CA THR E 55 17.39 -11.72 1.72
C THR E 55 16.16 -12.59 1.94
N GLN E 56 15.25 -12.12 2.79
CA GLN E 56 13.99 -12.83 3.00
C GLN E 56 13.12 -12.76 1.76
N PHE E 57 12.46 -13.87 1.43
CA PHE E 57 11.61 -13.93 0.25
C PHE E 57 10.28 -14.65 0.45
N VAL E 58 10.09 -15.38 1.55
CA VAL E 58 8.84 -16.06 1.84
C VAL E 58 8.55 -15.95 3.34
N ARG E 59 7.30 -16.26 3.70
CA ARG E 59 6.88 -16.26 5.09
C ARG E 59 5.66 -17.14 5.24
N PHE E 60 5.43 -17.61 6.46
CA PHE E 60 4.25 -18.40 6.79
C PHE E 60 3.98 -18.26 8.28
N ASP E 61 2.86 -17.64 8.63
CA ASP E 61 2.48 -17.44 10.01
C ASP E 61 1.16 -18.16 10.27
N SER E 62 1.15 -19.03 11.28
CA SER E 62 -0.07 -19.74 11.65
C SER E 62 -1.09 -18.80 12.28
N ASP E 63 -0.66 -17.64 12.76
CA ASP E 63 -1.58 -16.68 13.37
C ASP E 63 -2.28 -15.81 12.33
N ALA E 64 -1.65 -15.61 11.17
CA ALA E 64 -2.27 -14.82 10.12
C ALA E 64 -3.44 -15.57 9.51
N ALA E 65 -4.51 -14.82 9.18
CA ALA E 65 -5.75 -15.41 8.71
C ALA E 65 -5.65 -15.98 7.29
N SER E 66 -4.51 -15.86 6.62
CA SER E 66 -4.37 -16.43 5.29
C SER E 66 -3.98 -17.90 5.32
N GLN E 67 -3.18 -18.31 6.29
CA GLN E 67 -2.76 -19.70 6.50
C GLN E 67 -2.01 -20.27 5.31
N ARG E 68 -1.62 -19.43 4.35
CA ARG E 68 -0.87 -19.85 3.17
C ARG E 68 0.54 -19.24 3.20
N MET E 69 1.40 -19.78 2.35
CA MET E 69 2.75 -19.23 2.23
C MET E 69 2.68 -17.87 1.54
N GLU E 70 3.20 -16.85 2.20
CA GLU E 70 3.11 -15.52 1.61
C GLU E 70 4.45 -15.09 1.01
N PRO E 71 4.43 -14.37 -0.10
CA PRO E 71 5.68 -13.88 -0.68
C PRO E 71 6.15 -12.58 -0.04
N ARG E 72 7.48 -12.42 0.02
CA ARG E 72 8.09 -11.24 0.60
CA ARG E 72 8.09 -11.24 0.60
C ARG E 72 9.15 -10.63 -0.33
N ALA E 73 9.22 -11.06 -1.58
CA ALA E 73 10.18 -10.56 -2.54
C ALA E 73 9.49 -10.35 -3.88
N PRO E 74 10.00 -9.43 -4.71
CA PRO E 74 9.36 -9.22 -6.03
C PRO E 74 9.59 -10.37 -6.98
N TRP E 75 10.81 -10.92 -7.02
CA TRP E 75 11.12 -11.97 -7.98
C TRP E 75 10.45 -13.30 -7.65
N ILE E 76 10.01 -13.50 -6.41
CA ILE E 76 9.37 -14.75 -6.02
C ILE E 76 7.88 -14.76 -6.32
N GLU E 77 7.26 -13.60 -6.51
CA GLU E 77 5.83 -13.52 -6.77
C GLU E 77 5.45 -14.07 -8.14
N GLN E 78 6.42 -14.26 -9.04
CA GLN E 78 6.14 -14.76 -10.38
C GLN E 78 5.84 -16.26 -10.41
N GLU E 79 6.00 -16.96 -9.29
CA GLU E 79 5.79 -18.40 -9.27
C GLU E 79 4.30 -18.74 -9.38
N GLY E 80 4.02 -19.88 -9.99
CA GLY E 80 2.66 -20.32 -10.23
C GLY E 80 1.96 -20.79 -8.97
N PRO E 81 0.65 -21.04 -9.08
CA PRO E 81 -0.10 -21.50 -7.90
C PRO E 81 0.29 -22.89 -7.45
N GLU E 82 0.73 -23.75 -8.36
CA GLU E 82 1.18 -25.08 -7.96
C GLU E 82 2.41 -25.01 -7.08
N TYR E 83 3.20 -23.94 -7.22
CA TYR E 83 4.33 -23.73 -6.32
C TYR E 83 3.84 -23.42 -4.91
N TRP E 84 3.00 -22.38 -4.78
CA TRP E 84 2.54 -21.97 -3.46
C TRP E 84 1.71 -23.05 -2.79
N ASP E 85 0.99 -23.86 -3.58
CA ASP E 85 0.23 -24.97 -3.00
C ASP E 85 1.14 -26.03 -2.41
N GLN E 86 2.21 -26.38 -3.13
CA GLN E 86 3.12 -27.40 -2.62
C GLN E 86 3.92 -26.89 -1.42
N GLU E 87 4.35 -25.63 -1.46
CA GLU E 87 5.08 -25.07 -0.32
C GLU E 87 4.18 -24.93 0.90
N THR E 88 2.89 -24.67 0.71
CA THR E 88 1.98 -24.55 1.84
C THR E 88 1.68 -25.91 2.45
N ARG E 89 1.48 -26.93 1.62
CA ARG E 89 1.19 -28.26 2.15
CA ARG E 89 1.19 -28.26 2.15
C ARG E 89 2.38 -28.84 2.89
N ASN E 90 3.60 -28.57 2.42
CA ASN E 90 4.79 -29.09 3.09
C ASN E 90 5.12 -28.29 4.34
N VAL E 91 4.90 -26.97 4.32
CA VAL E 91 5.16 -26.18 5.52
C VAL E 91 4.12 -26.46 6.59
N LYS E 92 2.92 -26.87 6.19
CA LYS E 92 1.90 -27.26 7.16
CA LYS E 92 1.89 -27.26 7.16
C LYS E 92 2.16 -28.65 7.74
N ALA E 93 2.77 -29.54 6.95
CA ALA E 93 3.08 -30.87 7.43
C ALA E 93 4.13 -30.83 8.53
N GLN E 94 5.13 -29.96 8.38
CA GLN E 94 6.14 -29.81 9.43
C GLN E 94 5.57 -29.11 10.65
N SER E 95 4.62 -28.19 10.47
CA SER E 95 4.00 -27.53 11.60
C SER E 95 3.19 -28.51 12.44
N GLN E 96 2.44 -29.39 11.78
CA GLN E 96 1.68 -30.40 12.51
C GLN E 96 2.61 -31.44 13.14
N THR E 97 3.74 -31.72 12.49
CA THR E 97 4.71 -32.65 13.07
C THR E 97 5.37 -32.05 14.32
N ASP E 98 5.74 -30.78 14.27
CA ASP E 98 6.35 -30.13 15.42
C ASP E 98 5.37 -30.01 16.59
N ARG E 99 4.07 -29.88 16.30
CA ARG E 99 3.09 -29.79 17.38
C ARG E 99 3.04 -31.07 18.19
N VAL E 100 3.07 -32.22 17.51
CA VAL E 100 3.02 -33.50 18.21
C VAL E 100 4.27 -33.67 19.08
N ASP E 101 5.43 -33.33 18.54
CA ASP E 101 6.66 -33.44 19.31
C ASP E 101 6.70 -32.45 20.46
N LEU E 102 6.01 -31.32 20.33
CA LEU E 102 5.92 -30.36 21.43
C LEU E 102 5.25 -30.98 22.65
N GLY E 103 4.10 -31.62 22.45
CA GLY E 103 3.44 -32.28 23.56
C GLY E 103 4.18 -33.50 24.06
N THR E 104 4.92 -34.16 23.16
CA THR E 104 5.71 -35.33 23.57
C THR E 104 6.90 -34.90 24.43
N LEU E 105 7.61 -33.86 24.00
CA LEU E 105 8.74 -33.37 24.77
C LEU E 105 8.29 -32.72 26.08
N ARG E 106 7.05 -32.20 26.11
CA ARG E 106 6.53 -31.65 27.36
C ARG E 106 6.29 -32.74 28.39
N GLY E 107 5.79 -33.90 27.95
CA GLY E 107 5.61 -35.03 28.84
C GLY E 107 6.86 -35.81 29.12
N TYR E 108 7.88 -35.70 28.27
CA TYR E 108 9.14 -36.40 28.50
C TYR E 108 9.92 -35.76 29.63
N TYR E 109 10.00 -34.43 29.65
CA TYR E 109 10.76 -33.71 30.66
C TYR E 109 9.90 -33.23 31.83
N ASN E 110 8.64 -33.66 31.88
CA ASN E 110 7.73 -33.29 32.97
C ASN E 110 7.67 -31.77 33.15
N GLN E 111 7.57 -31.07 32.03
CA GLN E 111 7.51 -29.61 32.07
C GLN E 111 6.08 -29.15 32.37
N SER E 112 5.99 -27.95 32.94
CA SER E 112 4.71 -27.46 33.45
C SER E 112 3.68 -27.37 32.34
N GLU E 113 2.42 -27.60 32.71
CA GLU E 113 1.32 -27.51 31.76
C GLU E 113 1.03 -26.06 31.40
N ASP E 114 1.35 -25.13 32.29
CA ASP E 114 1.14 -23.70 32.06
C ASP E 114 2.36 -23.01 31.46
N GLY E 115 3.23 -23.76 30.78
CA GLY E 115 4.43 -23.18 30.21
C GLY E 115 4.48 -23.18 28.69
N SER E 116 5.34 -22.34 28.13
CA SER E 116 5.51 -22.20 26.69
C SER E 116 6.90 -22.70 26.31
N HIS E 117 6.96 -23.53 25.28
CA HIS E 117 8.21 -24.12 24.83
C HIS E 117 8.35 -23.92 23.32
N THR E 118 9.58 -24.09 22.82
CA THR E 118 9.91 -23.74 21.45
C THR E 118 10.69 -24.86 20.78
N ILE E 119 10.34 -25.17 19.54
CA ILE E 119 11.09 -26.08 18.67
C ILE E 119 11.50 -25.30 17.43
N GLN E 120 12.79 -25.36 17.10
CA GLN E 120 13.35 -24.59 15.99
C GLN E 120 14.09 -25.50 15.03
N ILE E 121 13.93 -25.24 13.73
CA ILE E 121 14.60 -25.99 12.68
C ILE E 121 15.34 -25.02 11.77
N MET E 122 16.52 -25.43 11.30
CA MET E 122 17.30 -24.66 10.35
C MET E 122 17.88 -25.61 9.32
N TYR E 123 17.49 -25.43 8.05
CA TYR E 123 18.02 -26.25 6.97
C TYR E 123 18.32 -25.37 5.77
N GLY E 124 19.31 -25.77 4.99
CA GLY E 124 19.68 -25.02 3.80
C GLY E 124 20.83 -25.68 3.09
N CYS E 125 21.25 -25.04 1.99
CA CYS E 125 22.33 -25.54 1.15
C CYS E 125 23.16 -24.37 0.65
N ASP E 126 24.43 -24.65 0.36
CA ASP E 126 25.37 -23.66 -0.16
C ASP E 126 25.82 -24.04 -1.56
N VAL E 127 25.84 -23.05 -2.45
CA VAL E 127 26.31 -23.23 -3.82
C VAL E 127 27.52 -22.35 -4.05
N GLY E 128 28.33 -22.74 -5.04
CA GLY E 128 29.52 -22.00 -5.40
C GLY E 128 29.27 -21.07 -6.57
N PRO E 129 30.34 -20.55 -7.16
CA PRO E 129 30.18 -19.68 -8.34
C PRO E 129 29.59 -20.41 -9.54
N ASP E 130 29.81 -21.72 -9.64
CA ASP E 130 29.28 -22.53 -10.72
C ASP E 130 27.88 -23.05 -10.44
N GLY E 131 27.34 -22.77 -9.25
CA GLY E 131 25.99 -23.20 -8.93
C GLY E 131 25.87 -24.64 -8.47
N ARG E 132 26.97 -25.28 -8.08
CA ARG E 132 26.95 -26.66 -7.63
C ARG E 132 26.96 -26.73 -6.12
N PHE E 133 26.57 -27.89 -5.59
CA PHE E 133 26.41 -28.08 -4.16
C PHE E 133 27.75 -28.01 -3.45
N LEU E 134 27.77 -27.32 -2.30
CA LEU E 134 28.95 -27.21 -1.46
C LEU E 134 28.72 -27.77 -0.07
N ARG E 135 27.76 -27.22 0.69
CA ARG E 135 27.50 -27.66 2.05
C ARG E 135 26.01 -27.73 2.29
N GLY E 136 25.61 -28.67 3.13
CA GLY E 136 24.21 -28.81 3.49
C GLY E 136 24.05 -28.77 5.00
N TYR E 137 22.88 -28.28 5.43
CA TYR E 137 22.63 -28.09 6.85
C TYR E 137 21.25 -28.61 7.21
N ARG E 138 21.14 -29.18 8.41
CA ARG E 138 19.90 -29.64 9.00
C ARG E 138 20.08 -29.90 10.49
N GLN E 139 19.57 -28.99 11.31
CA GLN E 139 19.74 -29.05 12.75
C GLN E 139 18.48 -28.58 13.44
N ASP E 140 18.19 -29.20 14.59
CA ASP E 140 17.00 -28.87 15.37
C ASP E 140 17.42 -28.44 16.78
N ALA E 141 16.54 -27.70 17.44
CA ALA E 141 16.79 -27.23 18.79
C ALA E 141 15.48 -27.18 19.57
N TYR E 142 15.59 -27.43 20.87
CA TYR E 142 14.44 -27.41 21.76
C TYR E 142 14.75 -26.48 22.93
N ASP E 143 13.93 -25.43 23.08
CA ASP E 143 14.10 -24.44 24.14
C ASP E 143 15.48 -23.79 24.09
N GLY E 144 15.94 -23.44 22.89
CA GLY E 144 17.20 -22.77 22.70
C GLY E 144 18.43 -23.64 22.81
N LYS E 145 18.29 -24.91 23.18
CA LYS E 145 19.41 -25.84 23.26
C LYS E 145 19.36 -26.78 22.07
N ASP E 146 20.54 -27.13 21.55
CA ASP E 146 20.62 -27.98 20.38
C ASP E 146 19.98 -29.34 20.66
N TYR E 147 19.27 -29.86 19.65
CA TYR E 147 18.61 -31.16 19.77
C TYR E 147 19.37 -32.20 18.95
N ILE E 148 19.13 -32.23 17.64
CA ILE E 148 19.81 -33.15 16.74
C ILE E 148 20.23 -32.38 15.50
N ALA E 149 21.38 -32.72 14.93
CA ALA E 149 21.92 -32.03 13.78
C ALA E 149 22.47 -33.05 12.79
N LEU E 150 22.36 -32.72 11.50
CA LEU E 150 22.91 -33.53 10.43
C LEU E 150 24.32 -33.06 10.13
N ASN E 151 25.27 -34.00 10.16
CA ASN E 151 26.67 -33.65 9.96
C ASN E 151 26.92 -33.28 8.50
N GLU E 152 28.16 -32.85 8.22
CA GLU E 152 28.51 -32.39 6.89
C GLU E 152 28.49 -33.52 5.86
N ASP E 153 28.81 -34.75 6.28
CA ASP E 153 28.75 -35.88 5.37
C ASP E 153 27.32 -36.23 4.95
N LEU E 154 26.31 -35.67 5.62
CA LEU E 154 24.90 -35.87 5.31
C LEU E 154 24.47 -37.33 5.45
N ARG E 155 25.23 -38.13 6.20
CA ARG E 155 24.88 -39.52 6.44
C ARG E 155 24.86 -39.89 7.92
N SER E 156 25.22 -38.98 8.81
CA SER E 156 25.29 -39.26 10.24
C SER E 156 24.67 -38.10 11.02
N TRP E 157 24.16 -38.41 12.19
CA TRP E 157 23.53 -37.42 13.06
C TRP E 157 24.38 -37.20 14.32
N THR E 158 24.38 -35.96 14.79
CA THR E 158 24.96 -35.60 16.08
C THR E 158 23.84 -35.12 16.98
N ALA E 159 23.51 -35.91 17.99
CA ALA E 159 22.37 -35.64 18.86
C ALA E 159 22.83 -35.26 20.26
N ALA E 160 21.99 -34.48 20.94
CA ALA E 160 22.22 -34.13 22.33
C ALA E 160 21.84 -35.29 23.23
N ASP E 161 21.67 -35.03 24.53
CA ASP E 161 21.35 -36.09 25.46
C ASP E 161 19.83 -36.23 25.60
N MET E 162 19.41 -37.31 26.26
CA MET E 162 18.02 -37.61 26.55
C MET E 162 17.19 -37.84 25.29
N ALA E 163 16.25 -36.94 25.02
CA ALA E 163 15.30 -37.15 23.94
C ALA E 163 15.96 -37.17 22.57
N ALA E 164 17.03 -36.39 22.39
CA ALA E 164 17.68 -36.34 21.09
C ALA E 164 18.30 -37.68 20.71
N GLN E 165 18.73 -38.46 21.70
CA GLN E 165 19.27 -39.78 21.41
C GLN E 165 18.18 -40.73 20.91
N ILE E 166 16.96 -40.58 21.44
CA ILE E 166 15.85 -41.39 20.96
C ILE E 166 15.51 -41.03 19.52
N THR E 167 15.51 -39.73 19.20
CA THR E 167 15.29 -39.30 17.82
C THR E 167 16.41 -39.80 16.92
N LYS E 168 17.64 -39.78 17.41
CA LYS E 168 18.78 -40.26 16.62
C LYS E 168 18.63 -41.74 16.31
N ARG E 169 18.31 -42.55 17.33
CA ARG E 169 18.10 -43.98 17.10
C ARG E 169 16.92 -44.21 16.16
N LYS E 170 15.85 -43.43 16.32
CA LYS E 170 14.70 -43.57 15.44
C LYS E 170 15.06 -43.22 14.00
N TRP E 171 15.77 -42.11 13.80
CA TRP E 171 16.10 -41.66 12.45
C TRP E 171 17.22 -42.50 11.82
N GLU E 172 18.15 -43.01 12.61
CA GLU E 172 19.21 -43.85 12.05
C GLU E 172 18.65 -45.16 11.52
N ALA E 173 17.84 -45.86 12.32
CA ALA E 173 17.25 -47.12 11.87
C ALA E 173 16.28 -46.94 10.73
N ALA E 174 15.71 -45.75 10.57
CA ALA E 174 14.79 -45.46 9.48
C ALA E 174 15.48 -44.91 8.24
N HIS E 175 16.80 -44.74 8.28
CA HIS E 175 17.58 -44.18 7.17
C HIS E 175 17.04 -42.80 6.79
N ALA E 176 16.82 -41.96 7.81
CA ALA E 176 16.25 -40.65 7.57
C ALA E 176 17.25 -39.69 6.93
N ALA E 177 18.54 -39.84 7.25
CA ALA E 177 19.54 -38.95 6.68
C ALA E 177 19.68 -39.11 5.17
N GLU E 178 19.22 -40.24 4.62
CA GLU E 178 19.30 -40.44 3.18
C GLU E 178 18.36 -39.50 2.43
N GLN E 179 17.10 -39.45 2.86
CA GLN E 179 16.13 -38.57 2.20
C GLN E 179 16.40 -37.11 2.51
N GLN E 180 17.03 -36.82 3.65
CA GLN E 180 17.44 -35.46 3.95
C GLN E 180 18.55 -35.01 3.01
N ARG E 181 19.44 -35.93 2.65
CA ARG E 181 20.53 -35.61 1.72
C ARG E 181 20.00 -35.35 0.31
N ALA E 182 18.96 -36.08 -0.10
CA ALA E 182 18.42 -35.90 -1.45
C ALA E 182 17.85 -34.50 -1.65
N TYR E 183 17.27 -33.91 -0.60
CA TYR E 183 16.75 -32.56 -0.72
C TYR E 183 17.87 -31.52 -0.72
N LEU E 184 18.81 -31.66 0.21
CA LEU E 184 19.88 -30.66 0.32
C LEU E 184 20.77 -30.64 -0.91
N GLU E 185 20.90 -31.78 -1.60
CA GLU E 185 21.73 -31.86 -2.80
C GLU E 185 20.94 -31.70 -4.09
N GLY E 186 19.61 -31.85 -4.04
CA GLY E 186 18.80 -31.78 -5.24
C GLY E 186 17.84 -30.61 -5.28
N ARG E 187 16.73 -30.73 -4.56
CA ARG E 187 15.69 -29.70 -4.61
C ARG E 187 16.20 -28.37 -4.07
N CYS E 188 17.00 -28.40 -3.00
CA CYS E 188 17.51 -27.16 -2.43
C CYS E 188 18.42 -26.43 -3.41
N VAL E 189 19.34 -27.16 -4.03
CA VAL E 189 20.28 -26.54 -4.96
C VAL E 189 19.56 -26.10 -6.23
N GLU E 190 18.60 -26.90 -6.70
CA GLU E 190 17.88 -26.56 -7.92
C GLU E 190 17.10 -25.25 -7.77
N TRP E 191 16.37 -25.12 -6.66
CA TRP E 191 15.57 -23.91 -6.46
C TRP E 191 16.45 -22.72 -6.07
N LEU E 192 17.60 -22.97 -5.45
CA LEU E 192 18.52 -21.89 -5.15
C LEU E 192 19.07 -21.26 -6.44
N ARG E 193 19.40 -22.10 -7.43
CA ARG E 193 19.85 -21.58 -8.71
C ARG E 193 18.73 -20.81 -9.41
N ARG E 194 17.49 -21.28 -9.30
CA ARG E 194 16.38 -20.56 -9.91
C ARG E 194 16.13 -19.22 -9.24
N TYR E 195 16.22 -19.18 -7.90
CA TYR E 195 16.02 -17.92 -7.20
C TYR E 195 17.10 -16.91 -7.55
N LEU E 196 18.36 -17.37 -7.64
CA LEU E 196 19.46 -16.48 -7.97
C LEU E 196 19.37 -15.93 -9.38
N GLU E 197 18.65 -16.62 -10.28
CA GLU E 197 18.49 -16.13 -11.65
C GLU E 197 17.31 -15.18 -11.78
N ASN E 198 16.18 -15.49 -11.15
CA ASN E 198 15.03 -14.58 -11.19
C ASN E 198 15.24 -13.35 -10.34
N GLY E 199 16.10 -13.43 -9.32
CA GLY E 199 16.38 -12.29 -8.47
C GLY E 199 17.83 -11.84 -8.53
N LYS E 200 18.46 -12.01 -9.70
CA LYS E 200 19.86 -11.63 -9.84
C LYS E 200 20.08 -10.15 -9.59
N GLU E 201 19.05 -9.32 -9.84
CA GLU E 201 19.19 -7.89 -9.65
C GLU E 201 19.39 -7.52 -8.19
N THR E 202 18.88 -8.34 -7.27
CA THR E 202 19.01 -8.06 -5.84
C THR E 202 19.83 -9.10 -5.09
N LEU E 203 19.79 -10.37 -5.50
CA LEU E 203 20.54 -11.38 -4.77
C LEU E 203 22.02 -11.33 -5.09
N GLN E 204 22.37 -11.12 -6.37
CA GLN E 204 23.75 -11.04 -6.79
C GLN E 204 24.27 -9.61 -6.86
N ARG E 205 23.62 -8.69 -6.16
CA ARG E 205 24.07 -7.30 -6.10
C ARG E 205 25.02 -7.11 -4.93
N THR E 206 25.77 -6.01 -4.98
CA THR E 206 26.71 -5.65 -3.92
C THR E 206 26.63 -4.15 -3.71
N ASP E 207 25.81 -3.73 -2.75
CA ASP E 207 25.69 -2.31 -2.41
C ASP E 207 26.82 -1.91 -1.47
N PRO E 208 27.72 -1.01 -1.90
CA PRO E 208 28.82 -0.62 -1.03
C PRO E 208 28.33 0.30 0.07
N PRO E 209 29.00 0.31 1.22
CA PRO E 209 28.55 1.16 2.33
C PRO E 209 28.89 2.63 2.13
N LYS E 210 28.07 3.48 2.75
CA LYS E 210 28.29 4.92 2.76
C LYS E 210 28.86 5.28 4.14
N THR E 211 30.17 5.55 4.18
CA THR E 211 30.89 5.67 5.44
C THR E 211 31.19 7.12 5.78
N HIS E 212 31.11 7.44 7.06
CA HIS E 212 31.51 8.74 7.59
C HIS E 212 31.81 8.58 9.07
N MET E 213 32.55 9.53 9.62
CA MET E 213 32.98 9.48 11.01
C MET E 213 32.43 10.68 11.77
N THR E 214 32.09 10.45 13.03
CA THR E 214 31.57 11.48 13.92
C THR E 214 32.47 11.63 15.14
N HIS E 215 32.22 12.69 15.90
CA HIS E 215 32.99 13.01 17.10
C HIS E 215 32.02 13.28 18.23
N HIS E 216 32.25 12.62 19.37
CA HIS E 216 31.36 12.75 20.53
C HIS E 216 32.21 12.93 21.79
N PRO E 217 32.37 14.17 22.26
CA PRO E 217 33.18 14.42 23.45
C PRO E 217 32.56 13.80 24.69
N ILE E 218 33.42 13.20 25.53
CA ILE E 218 32.98 12.63 26.80
C ILE E 218 33.21 13.66 27.89
N SER E 219 34.45 14.07 28.06
CA SER E 219 34.83 15.10 29.03
C SER E 219 35.86 16.00 28.36
N ASP E 220 36.56 16.79 29.17
CA ASP E 220 37.60 17.67 28.65
C ASP E 220 38.92 16.96 28.42
N HIS E 221 38.99 15.66 28.68
CA HIS E 221 40.21 14.89 28.46
C HIS E 221 40.02 13.68 27.55
N GLU E 222 38.78 13.26 27.28
CA GLU E 222 38.52 12.11 26.44
C GLU E 222 37.45 12.45 25.40
N ALA E 223 37.35 11.60 24.39
CA ALA E 223 36.36 11.77 23.33
C ALA E 223 36.14 10.43 22.65
N THR E 224 35.02 10.34 21.93
CA THR E 224 34.63 9.12 21.24
C THR E 224 34.55 9.38 19.74
N LEU E 225 35.21 8.52 18.97
CA LEU E 225 35.16 8.58 17.50
C LEU E 225 34.32 7.40 17.02
N ARG E 226 33.13 7.70 16.49
CA ARG E 226 32.22 6.68 15.97
C ARG E 226 32.32 6.63 14.46
N CYS E 227 32.65 5.45 13.93
CA CYS E 227 32.85 5.24 12.49
C CYS E 227 31.63 4.53 11.94
N TRP E 228 30.86 5.23 11.10
CA TRP E 228 29.59 4.70 10.59
C TRP E 228 29.78 4.00 9.25
N ALA E 229 28.77 3.20 8.89
CA ALA E 229 28.75 2.51 7.61
C ALA E 229 27.29 2.09 7.37
N LEU E 230 26.61 2.81 6.49
CA LEU E 230 25.18 2.64 6.29
C LEU E 230 24.88 2.19 4.86
N GLY E 231 23.76 1.48 4.71
CA GLY E 231 23.28 1.08 3.40
C GLY E 231 24.22 0.18 2.61
N PHE E 232 24.53 -0.99 3.16
CA PHE E 232 25.41 -1.94 2.47
C PHE E 232 24.75 -3.31 2.43
N TYR E 233 25.04 -4.05 1.36
CA TYR E 233 24.58 -5.41 1.17
C TYR E 233 25.68 -6.16 0.42
N PRO E 234 26.07 -7.37 0.87
CA PRO E 234 25.53 -8.12 2.02
C PRO E 234 25.99 -7.55 3.36
N ALA E 235 25.52 -8.13 4.46
CA ALA E 235 25.84 -7.61 5.80
C ALA E 235 27.27 -7.90 6.23
N GLU E 236 28.04 -8.64 5.44
CA GLU E 236 29.42 -8.96 5.80
C GLU E 236 30.29 -7.72 5.66
N ILE E 237 30.69 -7.14 6.80
CA ILE E 237 31.53 -5.95 6.82
C ILE E 237 32.44 -6.04 8.04
N THR E 238 33.65 -5.51 7.89
CA THR E 238 34.67 -5.58 8.93
C THR E 238 35.13 -4.16 9.26
N LEU E 239 34.76 -3.68 10.44
CA LEU E 239 35.17 -2.37 10.93
C LEU E 239 36.28 -2.54 11.95
N THR E 240 37.43 -1.91 11.69
CA THR E 240 38.60 -2.04 12.55
C THR E 240 39.20 -0.66 12.83
N TRP E 241 39.66 -0.46 14.05
CA TRP E 241 40.34 0.76 14.44
C TRP E 241 41.84 0.53 14.50
N GLN E 242 42.61 1.60 14.23
CA GLN E 242 44.05 1.54 14.25
C GLN E 242 44.60 2.84 14.79
N ARG E 243 45.39 2.75 15.87
CA ARG E 243 46.12 3.90 16.38
C ARG E 243 47.50 3.92 15.73
N ASP E 244 47.81 4.99 15.01
CA ASP E 244 49.01 5.07 14.17
C ASP E 244 48.93 3.93 13.16
N GLY E 245 49.95 3.08 13.04
CA GLY E 245 49.91 1.96 12.15
C GLY E 245 49.59 0.61 12.78
N GLU E 246 49.35 0.57 14.09
CA GLU E 246 49.09 -0.67 14.79
C GLU E 246 47.59 -0.84 15.04
N ASP E 247 47.17 -2.09 15.14
CA ASP E 247 45.77 -2.39 15.40
C ASP E 247 45.41 -1.99 16.83
N GLN E 248 44.34 -1.20 16.97
CA GLN E 248 43.88 -0.72 18.26
C GLN E 248 42.60 -1.46 18.63
N THR E 249 42.68 -2.34 19.63
CA THR E 249 41.54 -3.11 20.09
C THR E 249 41.08 -2.74 21.49
N GLN E 250 41.89 -2.02 22.26
CA GLN E 250 41.52 -1.64 23.61
C GLN E 250 40.61 -0.40 23.58
N ASP E 251 39.64 -0.38 24.49
CA ASP E 251 38.70 0.74 24.63
C ASP E 251 37.90 0.97 23.35
N THR E 252 37.60 -0.11 22.63
CA THR E 252 36.80 -0.06 21.41
C THR E 252 35.46 -0.74 21.66
N GLU E 253 34.49 -0.42 20.79
CA GLU E 253 33.16 -0.98 20.92
C GLU E 253 32.53 -1.16 19.54
N LEU E 254 32.09 -2.38 19.25
CA LEU E 254 31.38 -2.70 18.03
C LEU E 254 29.95 -3.09 18.36
N VAL E 255 29.01 -2.68 17.51
CA VAL E 255 27.61 -3.05 17.68
C VAL E 255 27.27 -4.10 16.62
N GLU E 256 26.24 -4.89 16.93
CA GLU E 256 25.81 -5.95 16.02
C GLU E 256 25.28 -5.33 14.73
N THR E 257 25.60 -5.96 13.60
CA THR E 257 25.13 -5.52 12.31
C THR E 257 23.61 -5.49 12.29
N ARG E 258 23.02 -4.30 12.23
CA ARG E 258 21.58 -4.12 12.30
C ARG E 258 21.01 -3.84 10.92
N PRO E 259 19.80 -4.34 10.64
CA PRO E 259 19.15 -4.03 9.37
C PRO E 259 18.58 -2.62 9.39
N ALA E 260 18.21 -2.14 8.20
CA ALA E 260 17.65 -0.81 8.03
C ALA E 260 16.17 -0.82 7.65
N GLY E 261 15.68 -1.92 7.08
CA GLY E 261 14.31 -2.00 6.64
C GLY E 261 14.10 -1.85 5.14
N ASP E 262 15.19 -1.76 4.36
CA ASP E 262 15.10 -1.63 2.91
C ASP E 262 15.98 -2.63 2.19
N GLY E 263 16.38 -3.71 2.85
CA GLY E 263 17.26 -4.70 2.27
C GLY E 263 18.73 -4.47 2.52
N THR E 264 19.11 -3.35 3.11
CA THR E 264 20.49 -3.05 3.45
C THR E 264 20.68 -3.09 4.96
N PHE E 265 21.94 -3.10 5.39
CA PHE E 265 22.29 -3.23 6.79
C PHE E 265 23.13 -2.03 7.24
N GLN E 266 23.27 -1.90 8.55
CA GLN E 266 24.02 -0.82 9.17
C GLN E 266 24.91 -1.36 10.27
N LYS E 267 26.02 -0.67 10.52
CA LYS E 267 26.98 -1.08 11.55
C LYS E 267 27.92 0.09 11.80
N TRP E 268 28.33 0.26 13.05
CA TRP E 268 29.32 1.28 13.39
C TRP E 268 30.24 0.76 14.49
N ALA E 269 31.41 1.38 14.58
CA ALA E 269 32.42 1.06 15.59
C ALA E 269 32.91 2.35 16.22
N ALA E 270 33.15 2.29 17.53
CA ALA E 270 33.60 3.45 18.29
C ALA E 270 34.92 3.15 18.99
N VAL E 271 35.58 4.22 19.45
CA VAL E 271 36.82 4.10 20.19
C VAL E 271 36.95 5.33 21.08
N VAL E 272 37.37 5.11 22.32
CA VAL E 272 37.59 6.19 23.28
C VAL E 272 39.03 6.68 23.10
N VAL E 273 39.18 7.92 22.66
CA VAL E 273 40.50 8.46 22.35
C VAL E 273 40.77 9.67 23.23
N PRO E 274 42.02 9.95 23.58
CA PRO E 274 42.32 11.18 24.32
C PRO E 274 42.11 12.40 23.43
N SER E 275 41.70 13.49 24.06
CA SER E 275 41.45 14.73 23.35
C SER E 275 42.74 15.25 22.70
N GLY E 276 42.67 15.56 21.41
CA GLY E 276 43.80 16.05 20.67
C GLY E 276 44.50 15.01 19.82
N GLU E 277 44.25 13.72 20.07
CA GLU E 277 44.87 12.65 19.30
C GLU E 277 43.87 11.93 18.41
N GLU E 278 42.83 12.63 17.97
CA GLU E 278 41.82 12.00 17.13
C GLU E 278 42.35 11.64 15.75
N GLN E 279 43.27 12.44 15.21
CA GLN E 279 43.82 12.17 13.89
C GLN E 279 44.83 11.03 13.88
N ARG E 280 45.22 10.53 15.06
CA ARG E 280 46.08 9.36 15.13
C ARG E 280 45.33 8.06 14.91
N TYR E 281 44.01 8.07 15.09
CA TYR E 281 43.18 6.89 14.94
C TYR E 281 42.53 6.87 13.56
N THR E 282 42.58 5.72 12.89
CA THR E 282 42.07 5.57 11.54
C THR E 282 41.09 4.40 11.51
N CYS E 283 39.92 4.62 10.93
CA CYS E 283 38.91 3.58 10.77
C CYS E 283 39.07 2.92 9.41
N HIS E 284 39.13 1.59 9.41
CA HIS E 284 39.25 0.81 8.18
C HIS E 284 37.99 -0.01 7.97
N VAL E 285 37.45 0.05 6.77
CA VAL E 285 36.19 -0.62 6.42
C VAL E 285 36.46 -1.57 5.26
N GLN E 286 36.05 -2.83 5.43
CA GLN E 286 36.18 -3.85 4.40
C GLN E 286 34.80 -4.41 4.08
N HIS E 287 34.42 -4.35 2.81
CA HIS E 287 33.13 -4.86 2.37
C HIS E 287 33.30 -5.55 1.02
N GLU E 288 32.40 -6.50 0.75
CA GLU E 288 32.48 -7.24 -0.51
C GLU E 288 32.23 -6.35 -1.71
N GLY E 289 31.35 -5.35 -1.57
CA GLY E 289 31.02 -4.43 -2.64
C GLY E 289 31.97 -3.26 -2.81
N LEU E 290 33.05 -3.21 -2.04
CA LEU E 290 34.03 -2.13 -2.16
C LEU E 290 35.21 -2.56 -3.03
N PRO E 291 35.65 -1.69 -3.94
CA PRO E 291 36.81 -2.04 -4.77
C PRO E 291 38.09 -2.18 -3.96
N LYS E 292 38.26 -1.39 -2.90
CA LYS E 292 39.45 -1.43 -2.07
C LYS E 292 39.02 -1.06 -0.66
N PRO E 293 39.59 -1.67 0.37
CA PRO E 293 39.23 -1.31 1.74
C PRO E 293 39.41 0.18 2.01
N LEU E 294 38.40 0.79 2.61
CA LEU E 294 38.39 2.22 2.88
C LEU E 294 39.22 2.53 4.13
N THR E 295 39.48 3.82 4.32
CA THR E 295 40.24 4.30 5.49
C THR E 295 39.70 5.67 5.86
N LEU E 296 38.96 5.74 6.96
CA LEU E 296 38.37 6.99 7.43
C LEU E 296 39.19 7.56 8.58
N ARG E 297 39.07 8.87 8.78
CA ARG E 297 39.93 9.61 9.69
C ARG E 297 39.25 10.95 9.98
N TRP E 298 39.93 11.77 10.80
CA TRP E 298 39.53 13.14 11.12
C TRP E 298 38.49 13.12 12.24
N GLU E 299 38.20 14.27 12.84
CA GLU E 299 37.25 14.36 13.94
C GLU E 299 35.92 14.95 13.47
N ILE F 2 18.69 -21.79 28.26
CA ILE F 2 17.37 -21.99 27.67
C ILE F 2 16.64 -20.66 27.56
N GLN F 3 17.20 -19.62 28.17
CA GLN F 3 16.60 -18.29 28.15
C GLN F 3 17.70 -17.25 28.00
N ARG F 4 17.51 -16.32 27.06
CA ARG F 4 18.47 -15.26 26.80
C ARG F 4 17.77 -13.91 26.84
N THR F 5 18.43 -12.92 27.45
CA THR F 5 17.89 -11.58 27.54
C THR F 5 18.05 -10.84 26.21
N PRO F 6 17.07 -10.05 25.81
CA PRO F 6 17.13 -9.40 24.49
C PRO F 6 18.10 -8.23 24.45
N LYS F 7 18.74 -8.08 23.29
CA LYS F 7 19.54 -6.90 22.99
C LYS F 7 18.68 -5.90 22.25
N ILE F 8 18.84 -4.62 22.58
CA ILE F 8 18.00 -3.56 22.03
C ILE F 8 18.89 -2.53 21.36
N GLN F 9 18.57 -2.20 20.10
CA GLN F 9 19.23 -1.13 19.36
C GLN F 9 18.16 -0.28 18.71
N VAL F 10 17.97 0.94 19.22
CA VAL F 10 17.04 1.90 18.63
C VAL F 10 17.84 2.88 17.79
N TYR F 11 17.34 3.15 16.58
CA TYR F 11 18.08 3.96 15.61
C TYR F 11 17.11 4.37 14.51
N SER F 12 17.62 5.15 13.57
CA SER F 12 16.85 5.58 12.41
C SER F 12 17.40 4.92 11.14
N ARG F 13 16.52 4.72 10.17
CA ARG F 13 16.93 4.10 8.91
C ARG F 13 17.92 4.98 8.16
N HIS F 14 17.71 6.29 8.19
CA HIS F 14 18.57 7.24 7.49
C HIS F 14 19.16 8.22 8.49
N PRO F 15 20.19 8.98 8.12
CA PRO F 15 20.69 10.02 9.02
C PRO F 15 19.58 10.98 9.43
N ALA F 16 19.55 11.31 10.72
CA ALA F 16 18.45 12.08 11.27
C ALA F 16 18.53 13.54 10.81
N GLU F 17 17.50 13.99 10.10
CA GLU F 17 17.37 15.38 9.70
C GLU F 17 16.01 15.88 10.15
N ASN F 18 16.01 16.90 11.00
CA ASN F 18 14.77 17.40 11.56
C ASN F 18 13.87 17.98 10.47
N GLY F 19 12.58 17.66 10.54
CA GLY F 19 11.60 18.12 9.58
C GLY F 19 11.46 17.28 8.34
N LYS F 20 12.29 16.24 8.19
CA LYS F 20 12.25 15.37 7.02
C LYS F 20 11.86 13.96 7.46
N SER F 21 11.09 13.28 6.61
CA SER F 21 10.60 11.96 6.95
C SER F 21 11.74 10.95 7.07
N ASN F 22 11.56 9.99 7.97
CA ASN F 22 12.53 8.93 8.19
C ASN F 22 11.79 7.73 8.78
N PHE F 23 12.55 6.73 9.23
CA PHE F 23 11.98 5.52 9.81
C PHE F 23 12.68 5.23 11.14
N LEU F 24 11.90 4.98 12.18
CA LEU F 24 12.42 4.65 13.49
C LEU F 24 12.43 3.13 13.66
N ASN F 25 13.61 2.57 13.89
CA ASN F 25 13.79 1.13 13.99
C ASN F 25 14.22 0.75 15.40
N CYS F 26 13.63 -0.34 15.90
CA CYS F 26 14.01 -0.93 17.18
C CYS F 26 14.34 -2.39 16.94
N TYR F 27 15.61 -2.74 17.02
CA TYR F 27 16.10 -4.07 16.65
C TYR F 27 16.32 -4.88 17.91
N VAL F 28 15.41 -5.82 18.18
CA VAL F 28 15.49 -6.70 19.34
C VAL F 28 16.05 -8.04 18.87
N SER F 29 17.24 -8.39 19.34
CA SER F 29 17.94 -9.59 18.89
C SER F 29 18.56 -10.29 20.09
N GLY F 30 19.03 -11.51 19.84
CA GLY F 30 19.74 -12.28 20.86
C GLY F 30 18.91 -12.69 22.05
N PHE F 31 17.63 -13.00 21.85
CA PHE F 31 16.74 -13.37 22.93
C PHE F 31 16.11 -14.73 22.68
N HIS F 32 15.55 -15.29 23.75
CA HIS F 32 14.86 -16.58 23.73
C HIS F 32 14.06 -16.73 25.02
N PRO F 33 12.79 -17.16 24.95
CA PRO F 33 12.03 -17.55 23.76
C PRO F 33 11.56 -16.37 22.91
N SER F 34 10.70 -16.63 21.93
CA SER F 34 10.30 -15.62 20.96
C SER F 34 9.26 -14.64 21.49
N ASP F 35 8.60 -14.96 22.60
CA ASP F 35 7.52 -14.12 23.12
C ASP F 35 8.11 -12.80 23.59
N ILE F 36 8.04 -11.78 22.74
CA ILE F 36 8.59 -10.46 23.04
C ILE F 36 7.49 -9.42 22.82
N GLU F 37 7.55 -8.35 23.61
CA GLU F 37 6.61 -7.24 23.52
C GLU F 37 7.40 -5.96 23.29
N VAL F 38 7.25 -5.39 22.09
CA VAL F 38 7.98 -4.19 21.70
C VAL F 38 6.98 -3.09 21.38
N ASP F 39 7.16 -1.92 21.99
CA ASP F 39 6.30 -0.76 21.78
C ASP F 39 7.17 0.46 21.57
N LEU F 40 7.04 1.09 20.40
CA LEU F 40 7.76 2.32 20.12
C LEU F 40 7.03 3.50 20.76
N LEU F 41 7.80 4.39 21.38
CA LEU F 41 7.26 5.46 22.21
C LEU F 41 7.64 6.81 21.62
N LYS F 42 6.64 7.67 21.47
CA LYS F 42 6.83 9.07 21.06
C LYS F 42 6.47 9.96 22.24
N ASN F 43 7.49 10.51 22.89
CA ASN F 43 7.32 11.33 24.10
C ASN F 43 6.57 10.57 25.20
N GLY F 44 6.76 9.26 25.25
CA GLY F 44 6.10 8.43 26.23
C GLY F 44 4.80 7.82 25.78
N GLU F 45 4.35 8.12 24.56
CA GLU F 45 3.10 7.59 24.03
C GLU F 45 3.40 6.53 22.99
N ARG F 46 2.79 5.36 23.15
CA ARG F 46 3.02 4.25 22.23
C ARG F 46 2.42 4.58 20.86
N ILE F 47 3.24 4.47 19.82
CA ILE F 47 2.80 4.80 18.47
C ILE F 47 1.88 3.72 17.93
N GLU F 48 0.93 4.12 17.09
CA GLU F 48 -0.09 3.19 16.58
C GLU F 48 0.50 2.28 15.50
N LYS F 49 0.79 2.84 14.32
CA LYS F 49 1.18 2.04 13.17
C LYS F 49 2.63 1.58 13.30
N VAL F 50 2.87 0.74 14.30
CA VAL F 50 4.15 0.10 14.52
C VAL F 50 4.11 -1.28 13.87
N GLU F 51 4.93 -1.49 12.85
CA GLU F 51 5.02 -2.76 12.16
C GLU F 51 6.31 -3.47 12.53
N HIS F 52 6.30 -4.80 12.43
CA HIS F 52 7.46 -5.61 12.76
C HIS F 52 7.73 -6.60 11.62
N SER F 53 8.99 -7.02 11.53
CA SER F 53 9.40 -7.97 10.51
C SER F 53 8.94 -9.38 10.90
N ASP F 54 9.26 -10.35 10.04
CA ASP F 54 8.91 -11.72 10.32
C ASP F 54 9.93 -12.34 11.28
N LEU F 55 9.46 -13.26 12.11
CA LEU F 55 10.29 -13.86 13.14
C LEU F 55 11.35 -14.75 12.53
N SER F 56 12.60 -14.59 12.99
CA SER F 56 13.70 -15.43 12.56
C SER F 56 14.73 -15.48 13.68
N PHE F 57 15.71 -16.37 13.53
CA PHE F 57 16.76 -16.55 14.52
C PHE F 57 18.09 -16.75 13.81
N SER F 58 19.16 -16.71 14.60
CA SER F 58 20.51 -16.90 14.09
C SER F 58 20.96 -18.34 14.34
N LYS F 59 22.24 -18.62 14.06
CA LYS F 59 22.76 -19.97 14.26
C LYS F 59 22.77 -20.37 15.72
N ASP F 60 22.88 -19.41 16.63
CA ASP F 60 22.82 -19.67 18.06
C ASP F 60 21.38 -19.80 18.56
N TRP F 61 20.41 -19.92 17.66
CA TRP F 61 18.98 -20.10 17.95
C TRP F 61 18.35 -18.90 18.63
N SER F 62 19.05 -17.76 18.71
CA SER F 62 18.52 -16.56 19.31
C SER F 62 17.72 -15.78 18.28
N PHE F 63 16.49 -15.42 18.63
CA PHE F 63 15.61 -14.74 17.70
C PHE F 63 16.04 -13.29 17.49
N TYR F 64 15.53 -12.69 16.42
CA TYR F 64 15.75 -11.28 16.16
C TYR F 64 14.54 -10.71 15.43
N LEU F 65 14.10 -9.53 15.87
CA LEU F 65 12.95 -8.87 15.30
C LEU F 65 13.27 -7.39 15.10
N LEU F 66 12.57 -6.78 14.16
CA LEU F 66 12.75 -5.36 13.83
C LEU F 66 11.39 -4.68 13.80
N TYR F 67 11.08 -3.93 14.86
CA TYR F 67 9.87 -3.12 14.91
C TYR F 67 10.18 -1.73 14.36
N TYR F 68 9.40 -1.30 13.37
CA TYR F 68 9.67 -0.06 12.66
C TYR F 68 8.40 0.69 12.36
N THR F 69 8.50 2.01 12.37
CA THR F 69 7.40 2.88 11.94
C THR F 69 8.01 4.16 11.38
N GLU F 70 7.33 4.72 10.37
CA GLU F 70 7.80 5.95 9.76
C GLU F 70 7.50 7.14 10.66
N PHE F 71 8.51 7.98 10.88
CA PHE F 71 8.37 9.15 11.73
C PHE F 71 9.18 10.29 11.15
N THR F 72 8.85 11.50 11.58
CA THR F 72 9.59 12.69 11.19
C THR F 72 10.33 13.24 12.42
N PRO F 73 11.65 13.08 12.49
CA PRO F 73 12.38 13.57 13.66
C PRO F 73 12.31 15.08 13.78
N THR F 74 12.26 15.56 15.02
CA THR F 74 12.26 16.98 15.29
C THR F 74 13.33 17.26 16.35
N GLU F 75 13.29 18.44 16.95
CA GLU F 75 14.25 18.83 17.97
C GLU F 75 13.74 18.55 19.38
N LYS F 76 12.45 18.75 19.62
CA LYS F 76 11.89 18.60 20.97
C LYS F 76 11.39 17.18 21.25
N ASP F 77 10.96 16.45 20.22
CA ASP F 77 10.42 15.11 20.44
C ASP F 77 11.52 14.13 20.83
N GLU F 78 11.21 13.27 21.79
CA GLU F 78 12.12 12.24 22.29
C GLU F 78 11.49 10.88 22.03
N TYR F 79 12.09 10.11 21.13
CA TYR F 79 11.61 8.79 20.78
C TYR F 79 12.38 7.72 21.53
N ALA F 80 11.69 6.64 21.87
CA ALA F 80 12.28 5.54 22.63
C ALA F 80 11.62 4.24 22.24
N CYS F 81 12.14 3.14 22.79
CA CYS F 81 11.63 1.81 22.51
C CYS F 81 11.49 1.05 23.82
N ARG F 82 10.26 0.66 24.16
CA ARG F 82 9.97 -0.11 25.36
C ARG F 82 9.86 -1.58 24.98
N VAL F 83 10.66 -2.42 25.64
CA VAL F 83 10.69 -3.85 25.38
C VAL F 83 10.57 -4.59 26.70
N ASN F 84 9.61 -5.50 26.79
CA ASN F 84 9.41 -6.36 27.95
C ASN F 84 9.55 -7.81 27.53
N HIS F 85 10.25 -8.60 28.34
CA HIS F 85 10.49 -10.00 28.05
C HIS F 85 10.32 -10.81 29.32
N VAL F 86 10.23 -12.13 29.16
CA VAL F 86 10.16 -13.02 30.30
C VAL F 86 11.46 -13.01 31.10
N THR F 87 12.58 -12.64 30.46
CA THR F 87 13.85 -12.55 31.16
C THR F 87 14.03 -11.23 31.89
N LEU F 88 13.29 -10.19 31.50
CA LEU F 88 13.38 -8.88 32.11
C LEU F 88 12.30 -8.72 33.17
N SER F 89 12.71 -8.34 34.38
CA SER F 89 11.73 -8.14 35.44
CA SER F 89 11.73 -8.14 35.44
C SER F 89 10.79 -6.97 35.13
N GLN F 90 11.31 -5.94 34.47
CA GLN F 90 10.56 -4.75 34.09
C GLN F 90 10.99 -4.31 32.70
N PRO F 91 10.09 -3.71 31.93
CA PRO F 91 10.43 -3.32 30.55
C PRO F 91 11.65 -2.42 30.50
N LYS F 92 12.50 -2.67 29.50
CA LYS F 92 13.75 -1.95 29.32
C LYS F 92 13.53 -0.80 28.35
N ILE F 93 13.80 0.43 28.80
CA ILE F 93 13.62 1.63 27.99
C ILE F 93 14.96 2.02 27.39
N VAL F 94 14.99 2.21 26.07
CA VAL F 94 16.20 2.60 25.35
C VAL F 94 15.80 3.79 24.47
N LYS F 95 16.20 4.99 24.87
CA LYS F 95 15.85 6.19 24.11
C LYS F 95 16.64 6.25 22.80
N TRP F 96 16.02 6.84 21.79
CA TRP F 96 16.67 7.00 20.49
C TRP F 96 17.63 8.18 20.50
N ASP F 97 18.88 7.92 20.14
CA ASP F 97 19.90 8.95 20.01
C ASP F 97 20.26 9.08 18.54
N ARG F 98 20.13 10.30 17.99
CA ARG F 98 20.46 10.53 16.60
C ARG F 98 21.94 10.27 16.30
N ASP F 99 22.78 10.24 17.33
CA ASP F 99 24.20 9.96 17.16
C ASP F 99 24.49 8.48 17.38
N SER G 1 12.60 -24.04 -2.60
CA SER G 1 11.45 -24.78 -2.06
C SER G 1 11.75 -25.32 -0.67
N VAL G 2 10.71 -25.64 0.08
CA VAL G 2 10.85 -26.12 1.46
C VAL G 2 11.10 -27.62 1.44
N LEU G 3 11.51 -28.16 2.59
CA LEU G 3 11.77 -29.59 2.70
C LEU G 3 10.48 -30.38 2.57
N ASN G 4 10.54 -31.49 1.82
CA ASN G 4 9.38 -32.32 1.57
C ASN G 4 9.30 -33.54 2.47
N ASP G 5 10.44 -34.09 2.90
CA ASP G 5 10.46 -35.28 3.75
C ASP G 5 10.36 -34.84 5.20
N ILE G 6 9.14 -34.88 5.74
CA ILE G 6 8.89 -34.47 7.12
C ILE G 6 9.25 -35.62 8.05
N LEU G 7 10.13 -35.36 9.01
CA LEU G 7 10.58 -36.34 9.98
C LEU G 7 9.99 -36.02 11.35
N SER G 8 9.48 -37.03 12.03
CA SER G 8 8.92 -36.89 13.37
C SER G 8 9.96 -37.30 14.39
N ARG G 9 10.22 -36.40 15.35
CA ARG G 9 11.17 -36.66 16.42
C ARG G 9 10.46 -37.34 17.58
N LEU G 10 11.16 -38.25 18.24
CA LEU G 10 10.64 -38.98 19.40
C LEU G 10 9.38 -39.77 19.03
N SER H 1 -16.64 -11.12 -16.47
CA SER H 1 -16.90 -9.89 -17.18
C SER H 1 -18.32 -9.41 -16.94
N VAL H 2 -18.56 -8.11 -17.16
CA VAL H 2 -19.87 -7.52 -16.91
C VAL H 2 -20.78 -7.74 -18.11
N LEU H 3 -22.07 -7.48 -17.93
CA LEU H 3 -23.04 -7.65 -19.01
C LEU H 3 -22.81 -6.63 -20.11
N ASN H 4 -22.89 -7.10 -21.36
CA ASN H 4 -22.68 -6.24 -22.52
C ASN H 4 -23.98 -5.75 -23.15
N ASP H 5 -25.06 -6.53 -23.07
CA ASP H 5 -26.35 -6.16 -23.65
C ASP H 5 -27.12 -5.33 -22.64
N ILE H 6 -27.04 -4.01 -22.78
CA ILE H 6 -27.72 -3.09 -21.87
C ILE H 6 -29.16 -2.94 -22.30
N LEU H 7 -30.09 -3.19 -21.36
CA LEU H 7 -31.51 -3.12 -21.62
C LEU H 7 -32.10 -1.88 -20.94
N SER H 8 -32.93 -1.15 -21.67
CA SER H 8 -33.60 0.05 -21.16
C SER H 8 -35.00 -0.32 -20.69
N ARG H 9 -35.31 0.03 -19.43
CA ARG H 9 -36.64 -0.20 -18.88
C ARG H 9 -37.52 1.02 -19.14
N LEU H 10 -38.79 0.75 -19.42
CA LEU H 10 -39.80 1.79 -19.69
C LEU H 10 -39.47 2.66 -20.90
N SER I 1 13.10 5.34 -21.57
CA SER I 1 14.37 5.16 -20.88
C SER I 1 15.09 6.49 -20.72
N VAL I 2 16.03 6.53 -19.77
CA VAL I 2 16.77 7.75 -19.46
C VAL I 2 17.93 7.90 -20.45
N LEU I 3 18.54 9.07 -20.46
CA LEU I 3 19.66 9.32 -21.36
C LEU I 3 20.87 8.49 -20.97
N ASN I 4 21.53 7.91 -21.98
CA ASN I 4 22.69 7.05 -21.75
C ASN I 4 24.02 7.77 -21.93
N ASP I 5 24.09 8.76 -22.82
CA ASP I 5 25.32 9.50 -23.07
C ASP I 5 25.38 10.68 -22.11
N ILE I 6 26.07 10.51 -20.99
CA ILE I 6 26.21 11.57 -20.00
C ILE I 6 27.34 12.48 -20.42
N LEU I 7 27.05 13.78 -20.52
CA LEU I 7 28.03 14.78 -20.93
C LEU I 7 28.41 15.64 -19.73
N SER I 8 29.71 15.89 -19.58
CA SER I 8 30.22 16.71 -18.50
C SER I 8 30.44 18.13 -19.02
N ARG I 9 29.83 19.10 -18.34
CA ARG I 9 29.99 20.50 -18.72
C ARG I 9 31.18 21.11 -17.98
N LEU I 10 31.91 21.97 -18.69
CA LEU I 10 33.05 22.67 -18.12
C LEU I 10 34.09 21.72 -17.54
C1 PEG J . 18.83 -9.60 9.78
O1 PEG J . 18.82 -8.92 11.01
C2 PEG J . 19.82 -10.75 9.83
O2 PEG J . 19.92 -11.37 8.58
C3 PEG J . 20.09 -12.76 8.67
C4 PEG J . 20.01 -13.38 7.29
O4 PEG J . 20.02 -14.79 7.40
C1 EDO K . 24.85 5.84 20.05
O1 EDO K . 24.34 5.35 21.27
C2 EDO K . 24.44 4.93 18.92
O2 EDO K . 23.24 5.38 18.34
#